data_8XYL
#
_entry.id   8XYL
#
_cell.length_a   1.00
_cell.length_b   1.00
_cell.length_c   1.00
_cell.angle_alpha   90.00
_cell.angle_beta   90.00
_cell.angle_gamma   90.00
#
_symmetry.space_group_name_H-M   'P 1'
#
loop_
_entity.id
_entity.type
_entity.pdbx_description
1 polymer 'MT-a70 family protein'
2 polymer 'Methyltransferase MT, putative'
3 polymer 'Myb-like DNA-binding domain protein'
4 polymer 'Transmembrane protein, putative'
#
loop_
_entity_poly.entity_id
_entity_poly.type
_entity_poly.pdbx_seq_one_letter_code
_entity_poly.pdbx_strand_id
1 'polypeptide(L)'
;GPEFKLMSKAVNKKGLRPRKSDSILDHIKNKLDQEFLEDNENGEQSDEDYDQKSLNKAKKPYKKRQTQNGSELVISQQKT
KAKASANNKKSAKNSQKLDEEEKIVEEEDLSPQKNGAVSEDDQQQEASTQEDDYLDRLPKSKKGLQGLLQDIEKRILHYK
QLFFKEQNEIANGKRSMVPDNSIPICSDVTKLNFQALIDAQMRHAGKMFDVIMMDPPWQLSSSQPSRGVAIAYDSLSDEK
IQNMPIQSLQQDGFIFVWAINAKYRVTIKMIENWGYKLVDEITWVKKTVNGKIAKGHGFYLQHAKESCLIGVKGDVDNGR
FKKNIASDVIFSERRGQSQKPEEIYQYINQLCPNGNYLEIFARRNNLHDNWVSIGNEL
;
A
2 'polypeptide(L)'
;GPGRPMSQETLAACQSLDKFAHPKKVSPVQKSQIIEEPPLQKKIKPTEPGEDQLSLLLKWRSSYIPPQKPTNEDEYKKII
CKDISSEKLEQHAGDVSALFINIKWKLSEGQSGKSIEDLKKLAISDKLINNGIIFIWSEKEILSQIVDVLEAKGFNYIEN
FMINQLSADKALEMQRKNQNQQSKEKKITDFFKRLTPQKNIWSDITPEQCIEQEKFPPNNYVQDIFVNSEYSFFRKSKKI
LLMLRKFNKDAQLELRHQRTSDIFFDIFEQNKPNDVSKKGMEFVYKMIETLLPKANYSEENKGAFKMMELYADDKSQPRK
GWISVYEQEWSHPQFEKGGGSGGGSGGGSWSHPQFEK
;
B
3 'polypeptide(L)'
;GPGRPSLKKGKFQHNQSKSLWNYTLSPGWREEEVKILKSALQLFGIGKWKKIMESGCLPGKSIGQIYMQTQRLLGQQSLG
DFMGLQIDLEAVFNQNMKKQDVLRKNNCIINTGDNPTKEERKRRIEQNRKIYGLSAKQIAEIKLPKVKKHAPQYMTLEDI
ENEKFTNLEILTHLYNLKAEIVRRLAEQGETIAQPSIIKSLNNLNHNLEQNQNSNSSTETKVTLEQSGKKKYKVLAIEET
ELQNGPIATNSQKKSINGKRKNNRKINSDSEGNEEDISLEDIDSQESEINSEEIVEDDEEDEQIEEPSKIKKRKKNPEQE
SEEDDIEEDQEEDELVVNEEEIFEDDDDDEDNQDSSEDDDDDED
;
C
4 'polypeptide(L)'
;GPEFMKKNGKSQNQPLDFTQYAKNMRKDLSNQDICLEDGALNHSYFLTKKGQYWTPLNQKALQRGIELFGVGNWKEINYD
EFSGKANIVELELRTCMILGINDITEYYGKKISEEEQEEIKKSNIAKGKKENKLKDNIYQKLQQMQ
;
D
#
# COMPACT_ATOMS: atom_id res chain seq x y z
N LYS A 142 -2.20 11.10 52.03
CA LYS A 142 -1.96 9.97 52.92
C LYS A 142 -0.58 9.35 52.66
N LYS A 143 -0.29 8.26 53.38
CA LYS A 143 0.96 7.54 53.14
C LYS A 143 0.91 6.76 51.85
N GLY A 144 -0.29 6.46 51.34
CA GLY A 144 -0.40 5.82 50.05
C GLY A 144 0.10 6.68 48.90
N LEU A 145 -0.12 8.00 49.00
CA LEU A 145 0.43 8.90 48.00
C LEU A 145 1.95 8.94 48.07
N GLN A 146 2.51 8.86 49.27
CA GLN A 146 3.97 8.78 49.42
C GLN A 146 4.51 7.48 48.84
N GLY A 147 3.77 6.37 49.03
CA GLY A 147 4.16 5.13 48.39
C GLY A 147 4.09 5.19 46.88
N LEU A 148 3.09 5.90 46.34
CA LEU A 148 3.02 6.13 44.90
C LEU A 148 4.20 6.96 44.43
N LEU A 149 4.61 7.95 45.23
CA LEU A 149 5.80 8.74 44.92
C LEU A 149 7.04 7.86 44.90
N GLN A 150 7.16 6.94 45.86
CA GLN A 150 8.29 6.01 45.86
C GLN A 150 8.28 5.13 44.61
N ASP A 151 7.10 4.61 44.25
CA ASP A 151 6.98 3.76 43.06
C ASP A 151 7.35 4.51 41.80
N ILE A 152 6.88 5.75 41.66
CA ILE A 152 7.23 6.55 40.49
C ILE A 152 8.72 6.92 40.52
N GLU A 153 9.33 7.01 41.70
CA GLU A 153 10.77 7.24 41.77
C GLU A 153 11.55 6.04 41.24
N LYS A 154 11.15 4.82 41.64
CA LYS A 154 11.82 3.63 41.11
C LYS A 154 11.59 3.50 39.60
N ARG A 155 10.38 3.84 39.13
CA ARG A 155 10.12 3.79 37.69
C ARG A 155 10.95 4.81 36.94
N ILE A 156 11.11 6.01 37.50
CA ILE A 156 11.95 7.05 36.89
C ILE A 156 13.39 6.58 36.83
N LEU A 157 13.89 5.95 37.91
CA LEU A 157 15.27 5.47 37.91
C LEU A 157 15.48 4.34 36.90
N HIS A 158 14.53 3.42 36.81
CA HIS A 158 14.64 2.32 35.85
C HIS A 158 14.64 2.84 34.42
N TYR A 159 13.73 3.77 34.10
CA TYR A 159 13.67 4.28 32.74
C TYR A 159 14.82 5.22 32.44
N LYS A 160 15.36 5.90 33.46
CA LYS A 160 16.58 6.69 33.28
C LYS A 160 17.75 5.79 32.93
N GLN A 161 17.86 4.64 33.61
CA GLN A 161 18.92 3.69 33.27
C GLN A 161 18.75 3.14 31.87
N LEU A 162 17.51 2.85 31.47
CA LEU A 162 17.28 2.36 30.11
C LEU A 162 17.60 3.44 29.06
N PHE A 163 17.24 4.68 29.33
CA PHE A 163 17.57 5.78 28.41
C PHE A 163 19.07 5.96 28.29
N PHE A 164 19.78 5.90 29.43
CA PHE A 164 21.24 6.02 29.40
C PHE A 164 21.87 4.86 28.64
N LYS A 165 21.34 3.65 28.81
CA LYS A 165 21.83 2.49 28.08
C LYS A 165 21.65 2.68 26.57
N GLU A 166 20.47 3.16 26.17
CA GLU A 166 20.20 3.31 24.75
C GLU A 166 21.04 4.43 24.13
N GLN A 167 21.22 5.54 24.85
CA GLN A 167 22.00 6.64 24.29
C GLN A 167 23.51 6.36 24.35
N ASN A 168 23.94 5.46 25.24
CA ASN A 168 25.33 5.03 25.22
C ASN A 168 25.57 4.03 24.09
N GLU A 169 24.59 3.18 23.82
CA GLU A 169 24.74 2.23 22.72
C GLU A 169 24.63 2.93 21.37
N ILE A 170 23.82 3.99 21.29
CA ILE A 170 23.70 4.76 20.05
C ILE A 170 25.00 5.47 19.72
N ALA A 171 25.64 6.08 20.72
CA ALA A 171 26.92 6.75 20.51
C ALA A 171 28.06 5.74 20.54
N ASN A 172 27.91 4.67 19.77
CA ASN A 172 28.83 3.55 19.67
C ASN A 172 28.54 2.87 18.34
N GLY A 173 29.03 1.64 18.18
CA GLY A 173 28.74 0.94 16.95
C GLY A 173 27.37 0.30 16.94
N LYS A 174 26.41 1.00 16.32
CA LYS A 174 25.04 0.51 16.21
C LYS A 174 24.39 1.18 15.00
N ARG A 175 23.75 0.36 14.17
CA ARG A 175 23.07 0.86 12.98
C ARG A 175 21.57 0.58 13.09
N SER A 176 20.77 1.44 12.47
CA SER A 176 19.33 1.29 12.47
C SER A 176 18.90 0.31 11.39
N MET A 177 17.60 0.24 11.14
CA MET A 177 17.08 -0.63 10.08
C MET A 177 17.24 -0.02 8.71
N VAL A 178 17.61 1.24 8.61
CA VAL A 178 17.77 1.92 7.31
C VAL A 178 19.06 1.44 6.68
N PRO A 179 19.05 1.03 5.41
CA PRO A 179 20.28 0.64 4.73
C PRO A 179 21.20 1.84 4.52
N ASP A 180 22.50 1.54 4.39
CA ASP A 180 23.49 2.59 4.25
C ASP A 180 23.49 3.24 2.87
N ASN A 181 22.93 2.58 1.87
CA ASN A 181 22.90 3.11 0.51
C ASN A 181 21.61 3.85 0.19
N SER A 182 20.72 4.02 1.17
CA SER A 182 19.51 4.79 0.94
C SER A 182 19.80 6.28 0.83
N ILE A 183 19.00 6.97 0.03
CA ILE A 183 19.11 8.42 -0.10
C ILE A 183 17.80 9.04 0.35
N PRO A 184 17.67 9.42 1.62
CA PRO A 184 16.46 10.10 2.07
C PRO A 184 16.56 11.62 1.92
N ILE A 185 15.45 12.23 1.54
CA ILE A 185 15.36 13.69 1.39
C ILE A 185 14.15 14.17 2.18
N CYS A 186 14.39 15.08 3.11
CA CYS A 186 13.33 15.65 3.94
C CYS A 186 12.90 16.98 3.35
N SER A 187 11.88 16.93 2.49
CA SER A 187 11.34 18.15 1.89
C SER A 187 9.91 17.87 1.44
N ASP A 188 9.08 18.91 1.53
CA ASP A 188 7.74 18.86 0.98
C ASP A 188 7.82 19.04 -0.53
N VAL A 189 7.01 18.25 -1.25
CA VAL A 189 7.13 18.19 -2.70
C VAL A 189 6.72 19.52 -3.33
N THR A 190 5.76 20.21 -2.72
CA THR A 190 5.35 21.52 -3.22
C THR A 190 6.47 22.55 -3.08
N LYS A 191 7.32 22.42 -2.07
CA LYS A 191 8.42 23.34 -1.85
C LYS A 191 9.77 22.82 -2.30
N LEU A 192 9.85 21.55 -2.70
CA LEU A 192 11.13 20.96 -3.09
C LEU A 192 11.54 21.47 -4.46
N ASN A 193 12.81 21.90 -4.57
CA ASN A 193 13.37 22.30 -5.86
C ASN A 193 13.83 21.04 -6.60
N PHE A 194 13.07 20.66 -7.63
CA PHE A 194 13.40 19.44 -8.37
C PHE A 194 14.60 19.63 -9.29
N GLN A 195 14.92 20.88 -9.66
CA GLN A 195 16.04 21.13 -10.57
C GLN A 195 17.37 20.73 -9.96
N ALA A 196 17.54 20.97 -8.65
CA ALA A 196 18.73 20.51 -7.97
C ALA A 196 18.83 18.98 -7.98
N LEU A 197 17.71 18.30 -7.83
CA LEU A 197 17.69 16.84 -7.90
C LEU A 197 18.07 16.36 -9.29
N ILE A 198 17.57 17.03 -10.34
CA ILE A 198 17.92 16.66 -11.71
C ILE A 198 19.41 16.86 -11.96
N ASP A 199 19.95 17.98 -11.49
CA ASP A 199 21.38 18.27 -11.68
C ASP A 199 22.23 17.25 -10.94
N ALA A 200 21.86 16.92 -9.70
CA ALA A 200 22.63 15.95 -8.92
C ALA A 200 22.57 14.56 -9.53
N GLN A 201 21.39 14.15 -10.01
CA GLN A 201 21.26 12.82 -10.61
C GLN A 201 22.05 12.74 -11.92
N MET A 202 22.01 13.79 -12.74
CA MET A 202 22.78 13.79 -13.97
C MET A 202 24.27 13.84 -13.70
N ARG A 203 24.68 14.51 -12.62
CA ARG A 203 26.10 14.57 -12.29
C ARG A 203 26.62 13.23 -11.79
N HIS A 204 25.92 12.62 -10.84
CA HIS A 204 26.44 11.47 -10.12
C HIS A 204 26.01 10.12 -10.69
N ALA A 205 25.22 10.10 -11.76
CA ALA A 205 24.83 8.84 -12.38
C ALA A 205 24.96 8.82 -13.90
N GLY A 206 24.95 9.97 -14.56
CA GLY A 206 25.09 9.99 -16.00
C GLY A 206 23.83 9.66 -16.77
N LYS A 207 22.73 9.42 -16.08
CA LYS A 207 21.46 9.11 -16.71
C LYS A 207 20.35 9.63 -15.80
N MET A 208 19.13 9.15 -16.00
CA MET A 208 18.01 9.58 -15.18
C MET A 208 17.32 8.37 -14.54
N PHE A 209 16.20 8.61 -13.85
CA PHE A 209 15.55 7.58 -13.08
C PHE A 209 14.89 6.55 -13.99
N ASP A 210 14.49 5.43 -13.39
CA ASP A 210 13.80 4.38 -14.11
C ASP A 210 12.46 4.01 -13.50
N VAL A 211 12.27 4.19 -12.19
CA VAL A 211 10.99 3.93 -11.54
C VAL A 211 10.73 5.09 -10.58
N ILE A 212 9.51 5.67 -10.65
CA ILE A 212 9.12 6.83 -9.85
C ILE A 212 7.90 6.49 -9.00
N MET A 213 7.90 5.28 -8.41
CA MET A 213 6.88 4.82 -7.48
C MET A 213 6.36 5.92 -6.55
N MET A 214 5.04 6.03 -6.45
CA MET A 214 4.38 7.11 -5.75
C MET A 214 3.20 6.56 -4.95
N ASP A 215 2.81 7.30 -3.92
CA ASP A 215 1.62 6.98 -3.11
C ASP A 215 1.06 8.27 -2.55
N PRO A 216 0.26 8.99 -3.33
CA PRO A 216 -0.09 10.37 -2.97
C PRO A 216 -1.13 10.40 -1.85
N PRO A 217 -0.99 11.32 -0.91
CA PRO A 217 -2.06 11.51 0.08
C PRO A 217 -3.25 12.26 -0.51
N TRP A 218 -4.31 11.53 -0.84
CA TRP A 218 -5.48 12.15 -1.45
C TRP A 218 -6.29 12.89 -0.42
N GLN A 219 -7.07 13.87 -0.90
CA GLN A 219 -7.91 14.66 0.00
C GLN A 219 -9.04 13.81 0.58
N LEU A 220 -9.56 12.87 -0.19
CA LEU A 220 -10.64 12.00 0.27
C LEU A 220 -10.17 11.00 1.32
N ASP A 234 0.47 15.79 5.62
CA ASP A 234 -0.99 15.85 5.52
C ASP A 234 -1.41 15.73 4.06
N SER A 235 -2.71 15.55 3.83
CA SER A 235 -3.23 15.37 2.48
C SER A 235 -3.12 16.65 1.67
N LEU A 236 -3.02 16.50 0.35
CA LEU A 236 -2.89 17.62 -0.56
C LEU A 236 -3.83 17.43 -1.75
N SER A 237 -4.17 18.54 -2.39
CA SER A 237 -5.16 18.51 -3.47
C SER A 237 -4.58 17.87 -4.72
N ASP A 238 -5.47 17.53 -5.66
CA ASP A 238 -5.05 16.84 -6.87
C ASP A 238 -4.35 17.79 -7.84
N GLU A 239 -4.59 19.09 -7.68
CA GLU A 239 -3.93 20.09 -8.55
C GLU A 239 -2.42 20.08 -8.36
N LYS A 240 -1.97 19.97 -7.10
CA LYS A 240 -0.54 19.94 -6.82
C LYS A 240 0.09 18.65 -7.33
N ILE A 241 -0.63 17.53 -7.24
CA ILE A 241 -0.11 16.26 -7.75
C ILE A 241 -0.02 16.30 -9.27
N GLN A 242 -0.99 16.93 -9.92
CA GLN A 242 -0.97 16.99 -11.38
C GLN A 242 0.08 17.97 -11.88
N ASN A 243 0.35 19.03 -11.13
CA ASN A 243 1.33 20.03 -11.58
C ASN A 243 2.77 19.65 -11.24
N MET A 244 3.00 18.44 -10.76
CA MET A 244 4.35 18.04 -10.34
C MET A 244 5.22 17.75 -11.57
N PRO A 245 6.55 17.90 -11.46
CA PRO A 245 7.43 17.84 -12.65
C PRO A 245 7.83 16.46 -13.15
N ILE A 246 7.08 15.39 -12.82
CA ILE A 246 7.41 13.99 -13.20
C ILE A 246 7.86 13.84 -14.65
N GLN A 247 7.26 14.58 -15.59
CA GLN A 247 7.65 14.42 -16.98
C GLN A 247 9.07 14.93 -17.23
N SER A 248 9.63 15.71 -16.30
CA SER A 248 11.02 16.12 -16.38
C SER A 248 11.97 15.24 -15.57
N LEU A 249 11.44 14.29 -14.80
CA LEU A 249 12.27 13.43 -13.95
C LEU A 249 12.59 12.09 -14.58
N GLN A 250 12.17 11.84 -15.83
CA GLN A 250 12.36 10.55 -16.44
C GLN A 250 12.36 10.69 -17.96
N GLN A 251 13.10 9.81 -18.63
CA GLN A 251 13.07 9.74 -20.07
C GLN A 251 12.48 8.41 -20.53
N ASP A 252 13.09 7.30 -20.08
CA ASP A 252 12.68 5.94 -20.42
C ASP A 252 12.48 5.20 -19.11
N GLY A 253 11.23 5.02 -18.70
CA GLY A 253 10.98 4.32 -17.47
C GLY A 253 9.52 4.11 -17.19
N PHE A 254 9.24 3.68 -15.96
CA PHE A 254 7.90 3.35 -15.50
C PHE A 254 7.50 4.29 -14.38
N ILE A 255 6.25 4.17 -13.94
CA ILE A 255 5.72 4.92 -12.81
C ILE A 255 4.71 4.04 -12.09
N PHE A 256 4.72 4.11 -10.76
CA PHE A 256 3.80 3.36 -9.91
C PHE A 256 3.09 4.36 -9.01
N VAL A 257 1.77 4.34 -8.99
CA VAL A 257 1.04 5.46 -8.40
C VAL A 257 0.25 5.06 -7.15
N TRP A 258 -0.18 3.80 -7.07
CA TRP A 258 -0.92 3.26 -5.91
C TRP A 258 -2.21 4.06 -5.66
N ALA A 259 -3.11 3.96 -6.62
CA ALA A 259 -4.39 4.66 -6.53
C ALA A 259 -5.35 3.92 -5.61
N ILE A 260 -6.34 4.65 -5.11
CA ILE A 260 -7.42 4.07 -4.32
C ILE A 260 -8.67 4.02 -5.19
N ASN A 261 -9.72 3.38 -4.66
CA ASN A 261 -10.93 3.16 -5.42
C ASN A 261 -11.63 4.47 -5.76
N ALA A 262 -11.61 5.43 -4.84
CA ALA A 262 -12.22 6.73 -5.10
C ALA A 262 -11.38 7.60 -6.02
N LYS A 263 -10.11 7.26 -6.23
CA LYS A 263 -9.18 8.05 -7.02
C LYS A 263 -8.53 7.19 -8.10
N TYR A 264 -9.37 6.46 -8.84
CA TYR A 264 -8.92 5.55 -9.88
C TYR A 264 -8.88 6.20 -11.26
N ARG A 265 -10.02 6.75 -11.70
CA ARG A 265 -10.09 7.38 -13.01
C ARG A 265 -9.24 8.65 -13.07
N VAL A 266 -9.23 9.43 -11.99
CA VAL A 266 -8.42 10.64 -11.97
C VAL A 266 -6.93 10.28 -11.99
N THR A 267 -6.55 9.17 -11.34
CA THR A 267 -5.16 8.70 -11.43
C THR A 267 -4.81 8.27 -12.85
N ILE A 268 -5.72 7.58 -13.53
CA ILE A 268 -5.48 7.17 -14.92
C ILE A 268 -5.29 8.41 -15.80
N LYS A 269 -6.16 9.40 -15.62
CA LYS A 269 -6.03 10.65 -16.38
C LYS A 269 -4.74 11.38 -16.04
N MET A 270 -4.33 11.34 -14.78
CA MET A 270 -3.09 12.01 -14.35
C MET A 270 -1.87 11.40 -15.03
N ILE A 271 -1.77 10.07 -15.00
CA ILE A 271 -0.60 9.45 -15.61
C ILE A 271 -0.66 9.48 -17.14
N GLU A 272 -1.84 9.62 -17.74
CA GLU A 272 -1.88 9.87 -19.17
C GLU A 272 -1.57 11.32 -19.52
N ASN A 273 -1.79 12.24 -18.58
CA ASN A 273 -1.43 13.64 -18.80
C ASN A 273 0.05 13.90 -18.60
N TRP A 274 0.72 13.12 -17.73
CA TRP A 274 2.15 13.29 -17.54
C TRP A 274 2.94 12.89 -18.79
N GLY A 275 2.41 11.97 -19.59
CA GLY A 275 3.08 11.55 -20.79
C GLY A 275 3.23 10.05 -20.88
N TYR A 276 2.69 9.34 -19.91
CA TYR A 276 2.82 7.89 -19.85
C TYR A 276 1.64 7.22 -20.54
N LYS A 277 1.83 5.93 -20.86
CA LYS A 277 0.79 5.10 -21.42
C LYS A 277 0.50 3.96 -20.45
N LEU A 278 -0.76 3.83 -20.05
CA LEU A 278 -1.16 2.77 -19.13
C LEU A 278 -1.00 1.40 -19.77
N VAL A 279 -0.08 0.59 -19.25
CA VAL A 279 0.20 -0.72 -19.83
C VAL A 279 -0.02 -1.87 -18.85
N ASP A 280 -0.08 -1.62 -17.55
CA ASP A 280 -0.14 -2.71 -16.59
C ASP A 280 -0.81 -2.23 -15.31
N GLU A 281 -1.18 -3.19 -14.47
CA GLU A 281 -1.89 -2.95 -13.23
C GLU A 281 -1.48 -4.00 -12.22
N ILE A 282 -1.12 -3.56 -11.01
CA ILE A 282 -0.72 -4.45 -9.93
C ILE A 282 -1.69 -4.26 -8.77
N THR A 283 -2.26 -5.37 -8.29
CA THR A 283 -3.23 -5.35 -7.21
C THR A 283 -2.69 -6.10 -6.00
N TRP A 284 -2.94 -5.55 -4.81
CA TRP A 284 -2.55 -6.15 -3.55
C TRP A 284 -3.80 -6.67 -2.86
N VAL A 285 -3.94 -7.99 -2.81
CA VAL A 285 -5.05 -8.64 -2.11
C VAL A 285 -4.62 -8.90 -0.67
N LYS A 286 -5.36 -8.35 0.28
CA LYS A 286 -5.00 -8.47 1.68
C LYS A 286 -5.25 -9.89 2.19
N LYS A 287 -4.54 -10.24 3.25
CA LYS A 287 -4.56 -11.60 3.79
C LYS A 287 -4.69 -11.54 5.29
N THR A 288 -5.16 -12.65 5.86
CA THR A 288 -5.26 -12.83 7.30
C THR A 288 -4.21 -13.82 7.77
N VAL A 289 -4.13 -13.99 9.10
CA VAL A 289 -3.16 -14.92 9.68
C VAL A 289 -3.53 -16.36 9.35
N ASN A 290 -4.83 -16.67 9.33
CA ASN A 290 -5.28 -18.02 9.01
C ASN A 290 -5.04 -18.36 7.55
N GLY A 291 -5.05 -17.38 6.67
CA GLY A 291 -4.90 -17.61 5.24
C GLY A 291 -6.09 -17.19 4.40
N LYS A 292 -7.09 -16.55 4.98
CA LYS A 292 -8.25 -16.10 4.22
C LYS A 292 -8.04 -14.66 3.75
N ILE A 293 -9.01 -14.17 2.98
CA ILE A 293 -8.97 -12.78 2.55
C ILE A 293 -9.51 -11.88 3.66
N ALA A 294 -8.77 -10.81 3.95
CA ALA A 294 -9.19 -9.83 4.96
C ALA A 294 -10.16 -8.86 4.30
N LYS A 295 -11.44 -9.20 4.38
CA LYS A 295 -12.47 -8.37 3.78
C LYS A 295 -12.73 -7.12 4.62
N GLY A 296 -13.17 -6.06 3.95
CA GLY A 296 -13.44 -4.80 4.61
C GLY A 296 -14.85 -4.30 4.41
N HIS A 297 -14.98 -3.08 3.90
CA HIS A 297 -16.28 -2.46 3.70
C HIS A 297 -16.22 -1.55 2.48
N GLY A 298 -17.37 -0.99 2.12
CA GLY A 298 -17.43 -0.11 0.97
C GLY A 298 -18.87 0.30 0.68
N PHE A 299 -19.06 0.86 -0.50
CA PHE A 299 -20.39 1.30 -0.92
C PHE A 299 -21.13 0.17 -1.64
N TYR A 300 -20.58 -0.32 -2.75
CA TYR A 300 -21.21 -1.38 -3.52
C TYR A 300 -20.72 -2.77 -3.15
N LEU A 301 -19.43 -2.91 -2.86
CA LEU A 301 -18.85 -4.20 -2.52
C LEU A 301 -17.90 -4.03 -1.34
N GLN A 302 -17.61 -5.14 -0.67
CA GLN A 302 -16.67 -5.14 0.44
C GLN A 302 -15.24 -5.07 -0.10
N HIS A 303 -14.53 -3.99 0.23
CA HIS A 303 -13.20 -3.74 -0.32
C HIS A 303 -12.17 -4.60 0.41
N ALA A 304 -11.42 -5.39 -0.35
CA ALA A 304 -10.31 -6.18 0.18
C ALA A 304 -9.11 -6.15 -0.77
N LYS A 305 -8.95 -5.04 -1.49
CA LYS A 305 -7.91 -4.92 -2.52
C LYS A 305 -7.29 -3.54 -2.46
N GLU A 306 -6.10 -3.43 -3.06
CA GLU A 306 -5.43 -2.16 -3.27
C GLU A 306 -4.77 -2.22 -4.64
N SER A 307 -4.89 -1.13 -5.41
CA SER A 307 -4.51 -1.13 -6.81
C SER A 307 -3.30 -0.22 -7.05
N CYS A 308 -2.42 -0.66 -7.95
CA CYS A 308 -1.27 0.12 -8.39
C CYS A 308 -1.32 0.22 -9.91
N LEU A 309 -1.31 1.44 -10.43
CA LEU A 309 -1.39 1.69 -11.86
C LEU A 309 0.00 2.02 -12.41
N ILE A 310 0.36 1.37 -13.53
CA ILE A 310 1.71 1.42 -14.06
C ILE A 310 1.69 2.04 -15.45
N GLY A 311 2.45 3.12 -15.63
CA GLY A 311 2.65 3.72 -16.93
C GLY A 311 4.03 3.38 -17.49
N VAL A 312 4.21 3.74 -18.76
CA VAL A 312 5.45 3.48 -19.47
C VAL A 312 5.83 4.72 -20.28
N LYS A 313 7.10 4.81 -20.65
CA LYS A 313 7.60 5.99 -21.33
C LYS A 313 8.85 5.65 -22.13
N GLY A 314 9.03 6.34 -23.25
CA GLY A 314 10.25 6.31 -24.03
C GLY A 314 10.58 4.95 -24.61
N ASP A 315 11.88 4.70 -24.77
CA ASP A 315 12.38 3.44 -25.32
C ASP A 315 12.74 2.53 -24.16
N VAL A 316 11.72 1.84 -23.64
CA VAL A 316 11.92 0.94 -22.51
C VAL A 316 12.64 -0.34 -22.95
N ASP A 317 12.32 -0.85 -24.14
CA ASP A 317 12.81 -2.16 -24.57
C ASP A 317 14.30 -2.12 -24.88
N ASN A 318 15.11 -2.42 -23.88
CA ASN A 318 16.56 -2.50 -24.00
C ASN A 318 17.03 -3.69 -23.17
N GLY A 319 18.33 -3.74 -22.89
CA GLY A 319 18.86 -4.69 -21.94
C GLY A 319 18.68 -4.30 -20.49
N ARG A 320 18.11 -3.13 -20.23
CA ARG A 320 17.93 -2.66 -18.85
C ARG A 320 16.73 -3.33 -18.20
N PHE A 321 15.55 -3.16 -18.79
CA PHE A 321 14.31 -3.68 -18.24
C PHE A 321 14.07 -5.10 -18.72
N LYS A 322 13.45 -5.91 -17.88
CA LYS A 322 13.17 -7.31 -18.17
C LYS A 322 11.68 -7.51 -18.40
N LYS A 323 11.34 -8.51 -19.21
CA LYS A 323 9.98 -8.79 -19.59
C LYS A 323 9.52 -10.14 -19.05
N ASN A 324 8.21 -10.25 -18.84
CA ASN A 324 7.54 -11.47 -18.38
C ASN A 324 8.08 -11.92 -17.01
N ILE A 325 7.98 -11.00 -16.04
CA ILE A 325 8.51 -11.22 -14.71
C ILE A 325 7.41 -10.96 -13.67
N ALA A 326 7.59 -11.58 -12.50
CA ALA A 326 6.72 -11.42 -11.33
C ALA A 326 5.26 -11.75 -11.63
N SER A 327 4.35 -11.02 -10.98
CA SER A 327 2.90 -11.22 -11.15
C SER A 327 2.20 -9.94 -10.74
N ASP A 328 0.98 -9.77 -11.22
CA ASP A 328 0.18 -8.59 -10.89
C ASP A 328 -0.45 -8.65 -9.51
N VAL A 329 -0.55 -9.83 -8.91
CA VAL A 329 -1.30 -10.03 -7.67
C VAL A 329 -0.30 -10.22 -6.54
N ILE A 330 -0.43 -9.38 -5.51
CA ILE A 330 0.37 -9.50 -4.28
C ILE A 330 -0.59 -9.95 -3.19
N PHE A 331 -0.46 -11.20 -2.77
CA PHE A 331 -1.32 -11.78 -1.73
C PHE A 331 -0.52 -11.83 -0.44
N SER A 332 -0.70 -10.81 0.39
CA SER A 332 0.11 -10.67 1.60
C SER A 332 -0.71 -9.98 2.68
N GLU A 333 -0.26 -10.15 3.93
CA GLU A 333 -0.97 -9.62 5.07
C GLU A 333 -0.85 -8.10 5.14
N ARG A 334 -1.81 -7.47 5.81
CA ARG A 334 -1.79 -6.03 6.04
C ARG A 334 -0.96 -5.75 7.29
N ARG A 335 0.12 -5.00 7.11
CA ARG A 335 1.01 -4.64 8.20
C ARG A 335 1.13 -3.13 8.31
N GLY A 336 1.45 -2.66 9.51
CA GLY A 336 1.55 -1.24 9.74
C GLY A 336 0.18 -0.56 9.72
N GLN A 337 0.22 0.76 9.56
CA GLN A 337 -1.00 1.55 9.44
C GLN A 337 -1.43 1.68 7.99
N SER A 338 -0.58 2.29 7.16
CA SER A 338 -0.72 2.29 5.71
C SER A 338 0.66 1.94 5.16
N GLN A 339 0.98 0.65 5.12
CA GLN A 339 2.30 0.20 4.70
C GLN A 339 2.11 -0.83 3.60
N LYS A 340 2.57 -0.51 2.42
CA LYS A 340 2.50 -1.43 1.30
C LYS A 340 3.55 -2.54 1.48
N PRO A 341 3.29 -3.75 0.99
CA PRO A 341 4.21 -4.85 1.24
C PRO A 341 5.52 -4.68 0.48
N GLU A 342 6.55 -5.38 0.97
CA GLU A 342 7.86 -5.31 0.33
C GLU A 342 7.91 -6.10 -0.97
N GLU A 343 6.86 -6.88 -1.26
CA GLU A 343 6.84 -7.65 -2.50
C GLU A 343 6.77 -6.74 -3.73
N ILE A 344 6.20 -5.55 -3.60
CA ILE A 344 6.20 -4.62 -4.73
C ILE A 344 7.61 -4.12 -5.01
N TYR A 345 8.42 -3.94 -3.96
CA TYR A 345 9.81 -3.54 -4.15
C TYR A 345 10.62 -4.69 -4.76
N GLN A 346 10.35 -5.93 -4.33
CA GLN A 346 11.01 -7.06 -4.95
C GLN A 346 10.62 -7.20 -6.43
N TYR A 347 9.35 -6.95 -6.75
CA TYR A 347 8.91 -7.01 -8.14
C TYR A 347 9.54 -5.90 -8.97
N ILE A 348 9.69 -4.71 -8.39
CA ILE A 348 10.35 -3.60 -9.07
C ILE A 348 11.81 -3.94 -9.35
N ASN A 349 12.50 -4.52 -8.36
CA ASN A 349 13.89 -4.93 -8.57
C ASN A 349 14.00 -6.09 -9.57
N GLN A 350 12.96 -6.91 -9.70
CA GLN A 350 12.94 -7.90 -10.77
C GLN A 350 12.75 -7.24 -12.13
N LEU A 351 11.97 -6.16 -12.18
CA LEU A 351 11.72 -5.47 -13.44
C LEU A 351 12.97 -4.76 -13.94
N CYS A 352 13.54 -3.87 -13.12
CA CYS A 352 14.74 -3.13 -13.46
C CYS A 352 15.84 -3.48 -12.46
N PRO A 353 16.71 -4.44 -12.77
CA PRO A 353 17.80 -4.78 -11.84
C PRO A 353 18.91 -3.73 -11.88
N ASN A 354 19.37 -3.33 -10.70
CA ASN A 354 20.48 -2.39 -10.52
C ASN A 354 20.22 -1.05 -11.21
N GLY A 355 19.02 -0.51 -11.01
CA GLY A 355 18.62 0.75 -11.59
C GLY A 355 18.55 1.88 -10.57
N ASN A 356 18.18 3.05 -11.08
CA ASN A 356 17.98 4.24 -10.26
C ASN A 356 16.48 4.45 -10.09
N TYR A 357 16.03 4.50 -8.82
CA TYR A 357 14.62 4.63 -8.51
C TYR A 357 14.36 5.89 -7.71
N LEU A 358 13.14 6.39 -7.82
CA LEU A 358 12.66 7.52 -7.05
C LEU A 358 11.36 7.15 -6.36
N GLU A 359 11.16 7.68 -5.15
CA GLU A 359 9.96 7.37 -4.37
C GLU A 359 9.44 8.67 -3.77
N ILE A 360 8.33 9.15 -4.29
CA ILE A 360 7.67 10.33 -3.75
C ILE A 360 6.74 9.91 -2.63
N PHE A 361 6.57 10.78 -1.63
CA PHE A 361 5.74 10.55 -0.45
C PHE A 361 6.19 9.28 0.28
N ALA A 362 7.50 9.13 0.41
CA ALA A 362 8.07 7.94 1.01
C ALA A 362 7.91 7.96 2.53
N ARG A 363 8.06 6.79 3.13
CA ARG A 363 7.94 6.62 4.57
C ARG A 363 9.20 5.96 5.11
N ARG A 364 9.49 6.25 6.38
CA ARG A 364 10.66 5.67 7.06
C ARG A 364 10.63 4.15 7.08
N ASN A 365 9.44 3.56 7.02
CA ASN A 365 9.29 2.10 7.00
C ASN A 365 9.67 1.48 5.66
N ASN A 366 9.78 2.29 4.60
CA ASN A 366 10.02 1.74 3.27
C ASN A 366 11.31 2.26 2.63
N LEU A 367 12.25 2.78 3.41
CA LEU A 367 13.56 3.16 2.89
C LEU A 367 14.32 1.93 2.41
N HIS A 368 14.90 2.02 1.21
CA HIS A 368 15.53 0.86 0.58
C HIS A 368 16.92 1.22 0.09
N ASP A 369 17.70 0.19 -0.23
CA ASP A 369 19.14 0.32 -0.45
C ASP A 369 19.51 0.73 -1.87
N ASN A 370 18.54 1.04 -2.72
CA ASN A 370 18.84 1.57 -4.04
C ASN A 370 17.95 2.76 -4.41
N TRP A 371 17.17 3.28 -3.47
CA TRP A 371 16.09 4.20 -3.76
C TRP A 371 16.42 5.60 -3.25
N VAL A 372 16.19 6.59 -4.10
CA VAL A 372 16.10 7.99 -3.66
C VAL A 372 14.67 8.19 -3.19
N SER A 373 14.51 8.61 -1.94
CA SER A 373 13.21 8.68 -1.30
C SER A 373 12.96 10.10 -0.82
N ILE A 374 11.82 10.67 -1.20
CA ILE A 374 11.42 12.01 -0.79
C ILE A 374 10.16 11.91 0.05
N GLY A 375 10.18 12.52 1.23
CA GLY A 375 9.03 12.53 2.12
C GLY A 375 9.17 13.66 3.10
N ASN A 376 8.13 13.84 3.91
CA ASN A 376 8.10 14.91 4.90
C ASN A 376 8.45 14.45 6.30
N GLU A 377 8.06 13.24 6.68
CA GLU A 377 8.43 12.65 7.96
C GLU A 377 9.67 11.78 7.88
N LEU A 378 10.33 11.76 6.72
CA LEU A 378 11.47 10.90 6.46
C LEU A 378 12.71 11.22 7.31
N GLU B 48 -4.35 -31.57 7.84
CA GLU B 48 -5.76 -31.87 8.04
C GLU B 48 -6.61 -31.29 6.91
N PRO B 49 -7.65 -32.02 6.50
CA PRO B 49 -8.51 -31.54 5.43
C PRO B 49 -9.30 -30.30 5.84
N GLY B 50 -9.55 -29.44 4.86
CA GLY B 50 -10.36 -28.25 5.09
C GLY B 50 -9.65 -27.08 5.72
N GLU B 51 -8.36 -27.22 6.02
CA GLU B 51 -7.60 -26.14 6.65
C GLU B 51 -6.49 -25.59 5.77
N ASP B 52 -6.15 -26.27 4.68
CA ASP B 52 -5.13 -25.75 3.77
C ASP B 52 -5.68 -24.56 2.99
N GLN B 53 -4.75 -23.78 2.43
CA GLN B 53 -5.11 -22.52 1.80
C GLN B 53 -5.98 -22.73 0.56
N LEU B 54 -5.67 -23.74 -0.26
CA LEU B 54 -6.44 -23.96 -1.48
C LEU B 54 -7.84 -24.45 -1.17
N SER B 55 -7.97 -25.46 -0.31
CA SER B 55 -9.27 -25.99 0.04
C SER B 55 -10.09 -25.02 0.88
N LEU B 56 -9.44 -24.06 1.52
CA LEU B 56 -10.12 -23.07 2.35
C LEU B 56 -10.47 -21.80 1.58
N LEU B 57 -9.78 -21.53 0.47
CA LEU B 57 -10.11 -20.37 -0.36
C LEU B 57 -11.21 -20.70 -1.36
N LEU B 58 -11.36 -21.97 -1.73
CA LEU B 58 -12.40 -22.42 -2.66
C LEU B 58 -13.55 -23.08 -1.93
N LYS B 59 -13.90 -22.56 -0.76
CA LYS B 59 -15.01 -23.09 0.02
C LYS B 59 -16.36 -22.57 -0.46
N TRP B 60 -16.38 -21.49 -1.24
CA TRP B 60 -17.63 -20.91 -1.71
C TRP B 60 -18.32 -21.78 -2.75
N ARG B 61 -17.58 -22.68 -3.40
CA ARG B 61 -18.14 -23.44 -4.53
C ARG B 61 -19.21 -24.42 -4.11
N SER B 62 -19.29 -24.76 -2.82
CA SER B 62 -20.29 -25.73 -2.36
C SER B 62 -21.68 -25.14 -2.32
N SER B 63 -21.81 -23.81 -2.26
CA SER B 63 -23.10 -23.16 -2.14
C SER B 63 -23.60 -22.56 -3.45
N TYR B 64 -22.71 -22.27 -4.40
CA TYR B 64 -23.10 -21.63 -5.65
C TYR B 64 -23.22 -22.66 -6.76
N ILE B 65 -24.20 -23.54 -6.60
CA ILE B 65 -24.54 -24.50 -7.65
C ILE B 65 -25.40 -23.79 -8.69
N PRO B 66 -25.02 -23.82 -9.98
CA PRO B 66 -25.85 -23.19 -11.00
C PRO B 66 -27.18 -23.93 -11.14
N PRO B 67 -28.26 -23.22 -11.42
CA PRO B 67 -29.57 -23.85 -11.51
C PRO B 67 -29.81 -24.42 -12.90
N GLN B 68 -30.96 -25.08 -13.06
CA GLN B 68 -31.37 -25.62 -14.34
C GLN B 68 -31.90 -24.51 -15.24
N LYS B 69 -32.01 -24.84 -16.52
CA LYS B 69 -32.55 -23.87 -17.47
C LYS B 69 -34.05 -23.67 -17.21
N PRO B 70 -34.56 -22.44 -17.34
CA PRO B 70 -35.98 -22.21 -17.10
C PRO B 70 -36.82 -22.74 -18.24
N THR B 71 -37.75 -23.65 -17.92
CA THR B 71 -38.58 -24.27 -18.93
C THR B 71 -39.69 -23.34 -19.42
N ASN B 72 -40.21 -22.49 -18.56
CA ASN B 72 -41.29 -21.60 -18.95
C ASN B 72 -40.78 -20.50 -19.86
N GLU B 73 -41.60 -20.15 -20.87
CA GLU B 73 -41.17 -19.20 -21.88
C GLU B 73 -41.17 -17.77 -21.40
N ASP B 74 -42.00 -17.44 -20.41
CA ASP B 74 -42.17 -16.07 -19.96
C ASP B 74 -41.19 -15.68 -18.85
N GLU B 75 -40.03 -16.34 -18.77
CA GLU B 75 -39.03 -16.03 -17.77
C GLU B 75 -37.75 -15.47 -18.37
N TYR B 76 -37.67 -15.33 -19.69
CA TYR B 76 -36.49 -14.77 -20.35
C TYR B 76 -36.91 -14.18 -21.69
N LYS B 77 -35.94 -13.71 -22.45
CA LYS B 77 -36.19 -13.10 -23.74
C LYS B 77 -35.55 -13.86 -24.90
N LYS B 78 -34.24 -14.11 -24.83
CA LYS B 78 -33.50 -14.91 -25.82
C LYS B 78 -33.58 -14.30 -27.22
N ILE B 79 -33.00 -13.12 -27.35
CA ILE B 79 -32.92 -12.43 -28.64
C ILE B 79 -31.71 -12.94 -29.41
N ILE B 80 -31.90 -13.22 -30.69
CA ILE B 80 -30.85 -13.68 -31.59
C ILE B 80 -30.72 -12.65 -32.71
N CYS B 81 -29.52 -12.10 -32.88
CA CYS B 81 -29.26 -11.07 -33.89
C CYS B 81 -28.00 -11.43 -34.67
N LYS B 82 -27.61 -10.54 -35.57
CA LYS B 82 -26.45 -10.73 -36.42
C LYS B 82 -25.24 -9.92 -35.94
N ASP B 83 -25.40 -8.62 -35.79
CA ASP B 83 -24.33 -7.74 -35.30
C ASP B 83 -24.90 -6.92 -34.16
N ILE B 84 -24.40 -7.14 -32.95
CA ILE B 84 -24.90 -6.42 -31.78
C ILE B 84 -24.57 -4.94 -31.87
N SER B 85 -23.37 -4.60 -32.34
CA SER B 85 -22.96 -3.22 -32.45
C SER B 85 -23.83 -2.45 -33.43
N SER B 86 -24.28 -3.10 -34.50
CA SER B 86 -25.21 -2.50 -35.43
C SER B 86 -26.67 -2.64 -35.01
N GLU B 87 -26.95 -3.44 -33.98
CA GLU B 87 -28.33 -3.69 -33.56
C GLU B 87 -28.84 -2.55 -32.68
N LYS B 88 -30.11 -2.21 -32.88
CA LYS B 88 -30.79 -1.20 -32.06
C LYS B 88 -31.49 -1.93 -30.92
N LEU B 89 -30.86 -1.96 -29.75
CA LEU B 89 -31.39 -2.70 -28.62
C LEU B 89 -32.59 -2.02 -27.96
N GLU B 90 -32.78 -0.72 -28.18
CA GLU B 90 -33.87 0.01 -27.54
C GLU B 90 -35.23 -0.53 -27.96
N GLN B 91 -35.34 -1.01 -29.20
CA GLN B 91 -36.56 -1.65 -29.65
C GLN B 91 -36.82 -2.95 -28.88
N HIS B 92 -35.76 -3.72 -28.62
CA HIS B 92 -35.94 -5.04 -28.02
C HIS B 92 -36.28 -4.94 -26.54
N ALA B 93 -35.60 -4.06 -25.81
CA ALA B 93 -35.74 -4.00 -24.37
C ALA B 93 -35.98 -2.57 -23.91
N GLY B 94 -36.71 -2.43 -22.80
CA GLY B 94 -36.98 -1.15 -22.20
C GLY B 94 -35.91 -0.76 -21.20
N ASP B 95 -36.36 -0.14 -20.11
CA ASP B 95 -35.45 0.32 -19.06
C ASP B 95 -34.78 -0.86 -18.37
N VAL B 96 -33.46 -0.94 -18.51
CA VAL B 96 -32.67 -2.03 -17.97
C VAL B 96 -31.83 -1.51 -16.82
N SER B 97 -31.90 -2.21 -15.69
CA SER B 97 -31.15 -1.85 -14.50
C SER B 97 -29.75 -2.44 -14.44
N ALA B 98 -29.47 -3.50 -15.20
CA ALA B 98 -28.17 -4.14 -15.17
C ALA B 98 -27.85 -4.65 -16.57
N LEU B 99 -26.81 -4.09 -17.19
CA LEU B 99 -26.36 -4.49 -18.51
C LEU B 99 -25.00 -5.16 -18.38
N PHE B 100 -24.97 -6.47 -18.54
CA PHE B 100 -23.73 -7.25 -18.48
C PHE B 100 -23.25 -7.51 -19.89
N ILE B 101 -22.11 -6.92 -20.23
CA ILE B 101 -21.49 -7.09 -21.54
C ILE B 101 -20.45 -8.19 -21.42
N ASN B 102 -20.75 -9.36 -21.97
CA ASN B 102 -19.86 -10.52 -21.93
C ASN B 102 -18.93 -10.52 -23.15
N ILE B 103 -18.16 -9.45 -23.27
CA ILE B 103 -17.34 -9.19 -24.44
C ILE B 103 -16.01 -9.91 -24.29
N LYS B 104 -15.54 -10.50 -25.40
CA LYS B 104 -14.23 -11.14 -25.47
C LYS B 104 -13.33 -10.27 -26.34
N TRP B 105 -12.31 -9.67 -25.72
CA TRP B 105 -11.51 -8.67 -26.39
C TRP B 105 -10.50 -9.30 -27.35
N LYS B 106 -10.22 -8.59 -28.43
CA LYS B 106 -9.13 -8.92 -29.34
C LYS B 106 -7.94 -8.05 -28.99
N LEU B 107 -6.81 -8.67 -28.69
CA LEU B 107 -5.64 -7.95 -28.21
C LEU B 107 -4.36 -8.24 -28.97
N SER B 108 -4.21 -9.41 -29.57
CA SER B 108 -3.09 -9.72 -30.43
C SER B 108 -3.55 -9.64 -31.89
N GLU B 109 -2.64 -9.97 -32.81
CA GLU B 109 -2.97 -9.95 -34.23
C GLU B 109 -3.79 -11.16 -34.64
N GLY B 110 -3.49 -12.33 -34.08
CA GLY B 110 -4.19 -13.54 -34.43
C GLY B 110 -5.32 -13.92 -33.51
N GLN B 111 -5.40 -13.25 -32.35
CA GLN B 111 -6.42 -13.57 -31.37
C GLN B 111 -7.78 -13.07 -31.82
N SER B 112 -8.79 -13.93 -31.76
CA SER B 112 -10.13 -13.63 -32.24
C SER B 112 -10.95 -13.00 -31.12
N GLY B 113 -11.66 -11.93 -31.44
CA GLY B 113 -12.50 -11.27 -30.45
C GLY B 113 -12.98 -9.93 -30.94
N LYS B 114 -13.52 -9.14 -30.03
CA LYS B 114 -14.02 -7.81 -30.32
C LYS B 114 -12.97 -6.76 -29.97
N SER B 115 -13.21 -5.54 -30.42
CA SER B 115 -12.25 -4.46 -30.29
C SER B 115 -12.91 -3.19 -29.74
N ILE B 116 -12.07 -2.20 -29.46
CA ILE B 116 -12.55 -0.92 -28.93
C ILE B 116 -13.42 -0.21 -29.97
N GLU B 117 -13.09 -0.37 -31.26
CA GLU B 117 -13.94 0.19 -32.31
C GLU B 117 -15.32 -0.46 -32.30
N ASP B 118 -15.37 -1.77 -32.08
CA ASP B 118 -16.66 -2.44 -31.93
C ASP B 118 -17.42 -1.95 -30.70
N LEU B 119 -16.70 -1.60 -29.63
CA LEU B 119 -17.38 -1.01 -28.48
C LEU B 119 -17.90 0.39 -28.78
N LYS B 120 -17.17 1.16 -29.59
CA LYS B 120 -17.64 2.48 -29.99
C LYS B 120 -18.89 2.39 -30.86
N LYS B 121 -18.93 1.41 -31.78
CA LYS B 121 -20.08 1.26 -32.65
C LYS B 121 -21.34 0.81 -31.91
N LEU B 122 -21.18 0.20 -30.74
CA LEU B 122 -22.33 -0.24 -29.96
C LEU B 122 -23.10 0.96 -29.43
N ALA B 123 -24.43 0.90 -29.51
CA ALA B 123 -25.30 2.04 -29.22
C ALA B 123 -25.96 1.84 -27.86
N ILE B 124 -25.77 2.80 -26.97
CA ILE B 124 -26.42 2.84 -25.67
C ILE B 124 -27.08 4.21 -25.53
N SER B 125 -28.39 4.22 -25.27
CA SER B 125 -29.14 5.45 -25.11
C SER B 125 -29.96 5.41 -23.82
N ASP B 126 -30.73 6.49 -23.61
CA ASP B 126 -31.52 6.59 -22.39
C ASP B 126 -32.73 5.68 -22.43
N LYS B 127 -33.17 5.28 -23.63
CA LYS B 127 -34.26 4.32 -23.73
C LYS B 127 -33.84 2.94 -23.26
N LEU B 128 -32.63 2.52 -23.62
CA LEU B 128 -32.14 1.20 -23.22
C LEU B 128 -31.77 1.17 -21.75
N ILE B 129 -30.92 2.10 -21.33
CA ILE B 129 -30.53 2.19 -19.92
C ILE B 129 -30.38 3.65 -19.53
N ASN B 130 -31.25 4.10 -18.63
CA ASN B 130 -31.23 5.46 -18.11
C ASN B 130 -30.76 5.54 -16.66
N ASN B 131 -30.88 4.44 -15.91
CA ASN B 131 -30.45 4.37 -14.52
C ASN B 131 -30.05 2.93 -14.23
N GLY B 132 -28.76 2.64 -14.31
CA GLY B 132 -28.32 1.28 -14.13
C GLY B 132 -26.81 1.18 -14.08
N ILE B 133 -26.34 -0.07 -14.14
CA ILE B 133 -24.93 -0.39 -14.00
C ILE B 133 -24.51 -1.24 -15.19
N ILE B 134 -23.32 -0.98 -15.71
CA ILE B 134 -22.72 -1.78 -16.78
C ILE B 134 -21.61 -2.63 -16.19
N PHE B 135 -21.67 -3.93 -16.42
CA PHE B 135 -20.62 -4.86 -16.06
C PHE B 135 -19.93 -5.31 -17.35
N ILE B 136 -18.67 -4.93 -17.52
CA ILE B 136 -17.93 -5.23 -18.74
C ILE B 136 -16.57 -5.80 -18.37
N TRP B 137 -16.18 -6.87 -19.05
CA TRP B 137 -14.85 -7.44 -18.89
C TRP B 137 -13.81 -6.48 -19.46
N SER B 138 -12.87 -6.05 -18.62
CA SER B 138 -11.81 -5.16 -19.06
C SER B 138 -10.50 -5.91 -19.16
N GLU B 139 -9.50 -5.23 -19.73
CA GLU B 139 -8.16 -5.78 -19.86
C GLU B 139 -7.16 -4.69 -19.52
N LYS B 140 -5.94 -5.13 -19.17
CA LYS B 140 -4.89 -4.18 -18.80
C LYS B 140 -4.46 -3.31 -19.96
N GLU B 141 -4.47 -3.85 -21.17
CA GLU B 141 -3.97 -3.11 -22.33
C GLU B 141 -4.92 -1.99 -22.76
N ILE B 142 -6.22 -2.15 -22.51
CA ILE B 142 -7.20 -1.23 -23.08
C ILE B 142 -8.10 -0.64 -22.00
N LEU B 143 -7.61 -0.58 -20.76
CA LEU B 143 -8.41 -0.05 -19.66
C LEU B 143 -8.71 1.43 -19.85
N SER B 144 -7.71 2.22 -20.24
CA SER B 144 -7.91 3.65 -20.46
C SER B 144 -8.85 3.91 -21.62
N GLN B 145 -8.72 3.15 -22.70
CA GLN B 145 -9.62 3.31 -23.84
C GLN B 145 -11.05 2.91 -23.48
N ILE B 146 -11.20 1.85 -22.69
CA ILE B 146 -12.53 1.40 -22.28
C ILE B 146 -13.21 2.46 -21.42
N VAL B 147 -12.48 3.00 -20.44
CA VAL B 147 -13.11 4.00 -19.58
C VAL B 147 -13.35 5.30 -20.35
N ASP B 148 -12.49 5.64 -21.32
CA ASP B 148 -12.73 6.84 -22.11
C ASP B 148 -13.99 6.70 -22.98
N VAL B 149 -14.14 5.57 -23.66
CA VAL B 149 -15.29 5.39 -24.53
C VAL B 149 -16.58 5.22 -23.71
N LEU B 150 -16.50 4.68 -22.49
CA LEU B 150 -17.71 4.53 -21.71
C LEU B 150 -18.11 5.82 -20.99
N GLU B 151 -17.14 6.63 -20.55
CA GLU B 151 -17.46 7.98 -20.11
C GLU B 151 -17.88 8.89 -21.26
N ALA B 152 -17.59 8.50 -22.51
CA ALA B 152 -18.17 9.23 -23.64
C ALA B 152 -19.67 8.99 -23.75
N LYS B 153 -20.18 7.88 -23.22
CA LYS B 153 -21.60 7.58 -23.25
C LYS B 153 -22.30 7.85 -21.92
N GLY B 154 -21.65 8.54 -21.00
CA GLY B 154 -22.28 8.96 -19.77
C GLY B 154 -22.20 8.00 -18.60
N PHE B 155 -21.29 7.02 -18.65
CA PHE B 155 -21.14 6.02 -17.60
C PHE B 155 -19.87 6.32 -16.82
N ASN B 156 -19.99 6.44 -15.50
CA ASN B 156 -18.87 6.78 -14.64
C ASN B 156 -18.43 5.57 -13.83
N TYR B 157 -17.11 5.46 -13.64
CA TYR B 157 -16.54 4.35 -12.90
C TYR B 157 -16.96 4.38 -11.43
N ILE B 158 -17.32 3.22 -10.89
CA ILE B 158 -17.73 3.14 -9.50
C ILE B 158 -16.88 2.13 -8.71
N GLU B 159 -16.75 0.91 -9.22
CA GLU B 159 -16.17 -0.17 -8.43
C GLU B 159 -15.42 -1.14 -9.33
N ASN B 160 -14.79 -2.12 -8.70
CA ASN B 160 -13.99 -3.13 -9.38
C ASN B 160 -14.21 -4.47 -8.70
N PHE B 161 -14.48 -5.49 -9.51
CA PHE B 161 -14.74 -6.84 -9.01
C PHE B 161 -13.93 -7.80 -9.86
N MET B 162 -12.97 -8.50 -9.24
CA MET B 162 -12.05 -9.30 -10.02
C MET B 162 -11.94 -10.72 -9.47
N ILE B 163 -11.45 -11.61 -10.33
CA ILE B 163 -11.33 -13.03 -10.05
C ILE B 163 -9.86 -13.37 -10.07
N ASN B 164 -9.32 -13.81 -8.93
CA ASN B 164 -7.94 -14.25 -8.86
C ASN B 164 -7.82 -15.62 -9.51
N GLN B 165 -6.95 -15.72 -10.50
CA GLN B 165 -6.83 -16.95 -11.27
C GLN B 165 -5.93 -17.94 -10.55
N LEU B 166 -6.42 -19.16 -10.40
CA LEU B 166 -5.67 -20.28 -9.83
C LEU B 166 -5.59 -21.37 -10.86
N SER B 167 -4.40 -21.97 -11.01
CA SER B 167 -4.18 -22.95 -12.08
C SER B 167 -4.43 -24.36 -11.57
N ALA B 168 -5.32 -25.07 -12.26
CA ALA B 168 -5.51 -26.49 -12.01
C ALA B 168 -4.40 -27.34 -12.60
N ASP B 169 -3.67 -26.83 -13.59
CA ASP B 169 -2.50 -27.50 -14.13
C ASP B 169 -1.32 -27.39 -13.17
N LYS B 170 -1.09 -26.18 -12.64
CA LYS B 170 0.02 -25.97 -11.72
C LYS B 170 -0.24 -26.65 -10.39
N ALA B 171 -1.51 -26.87 -10.01
CA ALA B 171 -1.82 -27.62 -8.81
C ALA B 171 -1.31 -29.05 -8.91
N LEU B 172 -1.63 -29.71 -10.03
CA LEU B 172 -1.16 -31.08 -10.24
C LEU B 172 0.35 -31.13 -10.42
N GLU B 173 0.92 -30.12 -11.10
CA GLU B 173 2.37 -30.07 -11.27
C GLU B 173 3.09 -29.94 -9.94
N MET B 174 2.59 -29.05 -9.06
CA MET B 174 3.18 -28.88 -7.75
C MET B 174 2.98 -30.11 -6.87
N GLN B 175 1.82 -30.77 -6.99
CA GLN B 175 1.59 -32.00 -6.23
C GLN B 175 2.57 -33.09 -6.65
N ARG B 176 2.80 -33.24 -7.96
CA ARG B 176 3.75 -34.24 -8.43
C ARG B 176 5.18 -33.85 -8.07
N LYS B 177 5.48 -32.55 -8.03
CA LYS B 177 6.82 -32.11 -7.69
C LYS B 177 7.12 -32.32 -6.22
N ASN B 178 6.15 -32.06 -5.35
CA ASN B 178 6.36 -32.12 -3.91
C ASN B 178 6.19 -33.54 -3.35
N GLN B 179 5.07 -34.19 -3.67
CA GLN B 179 4.80 -35.52 -3.14
C GLN B 179 5.73 -36.56 -3.77
N ASN B 180 5.89 -36.51 -5.09
CA ASN B 180 6.74 -37.47 -5.78
C ASN B 180 8.12 -36.83 -5.96
N ILE B 201 -1.93 -41.16 -5.94
CA ILE B 201 -2.33 -42.10 -6.98
C ILE B 201 -3.49 -41.52 -7.78
N TRP B 202 -4.09 -40.45 -7.26
CA TRP B 202 -5.20 -39.79 -7.91
C TRP B 202 -4.79 -38.54 -8.67
N SER B 203 -3.49 -38.25 -8.76
CA SER B 203 -3.01 -37.01 -9.35
C SER B 203 -2.73 -37.10 -10.84
N ASP B 204 -3.05 -38.24 -11.47
CA ASP B 204 -2.74 -38.46 -12.88
C ASP B 204 -3.98 -38.50 -13.76
N ILE B 205 -5.10 -37.93 -13.32
CA ILE B 205 -6.36 -38.11 -14.04
C ILE B 205 -6.52 -37.10 -15.18
N THR B 206 -6.71 -35.82 -14.84
CA THR B 206 -6.96 -34.72 -15.78
C THR B 206 -6.92 -33.41 -14.99
N PRO B 207 -6.38 -32.32 -15.55
CA PRO B 207 -6.50 -31.03 -14.87
C PRO B 207 -7.90 -30.43 -14.95
N GLU B 208 -8.77 -31.03 -15.74
CA GLU B 208 -10.14 -30.55 -15.93
C GLU B 208 -11.17 -31.38 -15.16
N GLN B 209 -10.97 -32.70 -15.06
CA GLN B 209 -11.84 -33.52 -14.22
C GLN B 209 -11.73 -33.13 -12.76
N CYS B 210 -10.56 -32.62 -12.34
CA CYS B 210 -10.44 -32.09 -10.98
C CYS B 210 -11.29 -30.84 -10.80
N ILE B 211 -11.44 -30.04 -11.85
CA ILE B 211 -12.36 -28.91 -11.81
C ILE B 211 -13.79 -29.41 -11.71
N GLU B 212 -14.14 -30.41 -12.52
CA GLU B 212 -15.51 -30.90 -12.53
C GLU B 212 -15.86 -31.68 -11.26
N GLN B 213 -14.96 -32.54 -10.78
CA GLN B 213 -15.24 -33.35 -9.61
C GLN B 213 -14.90 -32.65 -8.30
N GLU B 214 -14.30 -31.46 -8.36
CA GLU B 214 -13.94 -30.63 -7.22
C GLU B 214 -12.99 -31.34 -6.26
N LYS B 215 -12.21 -32.28 -6.77
CA LYS B 215 -11.16 -32.92 -5.97
C LYS B 215 -9.84 -32.19 -6.16
N PHE B 216 -9.57 -31.22 -5.31
CA PHE B 216 -8.40 -30.37 -5.47
C PHE B 216 -7.28 -30.84 -4.55
N PRO B 217 -6.03 -30.78 -5.01
CA PRO B 217 -4.90 -31.14 -4.16
C PRO B 217 -4.68 -30.13 -3.06
N PRO B 218 -4.12 -30.52 -1.93
CA PRO B 218 -3.81 -29.56 -0.87
C PRO B 218 -2.72 -28.59 -1.28
N ASN B 219 -2.82 -27.37 -0.76
CA ASN B 219 -1.85 -26.32 -1.04
C ASN B 219 -1.90 -25.30 0.08
N ASN B 220 -0.81 -25.13 0.80
CA ASN B 220 -0.74 -24.15 1.89
C ASN B 220 -0.02 -22.87 1.47
N TYR B 221 0.50 -22.82 0.24
CA TYR B 221 1.07 -21.60 -0.31
C TYR B 221 0.47 -21.42 -1.70
N VAL B 222 -0.48 -20.48 -1.81
CA VAL B 222 -1.25 -20.35 -3.05
C VAL B 222 -0.56 -19.44 -4.06
N GLN B 223 0.42 -18.64 -3.63
CA GLN B 223 1.06 -17.67 -4.51
C GLN B 223 1.85 -18.32 -5.64
N ASP B 224 2.21 -19.59 -5.53
CA ASP B 224 2.89 -20.28 -6.61
C ASP B 224 1.95 -21.04 -7.53
N ILE B 225 0.64 -20.94 -7.31
CA ILE B 225 -0.34 -21.66 -8.13
C ILE B 225 -1.03 -20.76 -9.13
N PHE B 226 -0.72 -19.45 -9.12
CA PHE B 226 -1.39 -18.48 -9.96
C PHE B 226 -1.17 -18.77 -11.44
N VAL B 227 -2.22 -18.60 -12.24
CA VAL B 227 -2.07 -18.58 -13.69
C VAL B 227 -1.29 -17.34 -14.05
N ASN B 228 -0.13 -17.52 -14.69
CA ASN B 228 0.71 -16.40 -15.09
C ASN B 228 0.91 -16.48 -16.60
N SER B 229 -0.01 -15.86 -17.34
CA SER B 229 0.04 -15.89 -18.78
C SER B 229 1.11 -14.93 -19.30
N GLU B 230 1.48 -15.12 -20.56
CA GLU B 230 2.59 -14.37 -21.15
C GLU B 230 2.22 -12.90 -21.32
N TYR B 231 3.20 -12.03 -21.11
CA TYR B 231 3.03 -10.60 -21.25
C TYR B 231 4.40 -9.97 -21.48
N SER B 232 4.38 -8.72 -21.93
CA SER B 232 5.60 -7.93 -22.11
C SER B 232 5.99 -7.20 -20.83
N PHE B 233 5.29 -7.46 -19.74
CA PHE B 233 5.38 -6.73 -18.48
C PHE B 233 5.10 -7.75 -17.38
N PHE B 234 4.68 -7.27 -16.21
CA PHE B 234 4.25 -8.15 -15.12
C PHE B 234 3.20 -9.14 -15.62
N ARG B 235 3.37 -10.41 -15.24
CA ARG B 235 2.59 -11.49 -15.82
C ARG B 235 1.13 -11.41 -15.40
N LYS B 236 0.23 -11.71 -16.33
CA LYS B 236 -1.20 -11.58 -16.11
C LYS B 236 -1.69 -12.69 -15.17
N SER B 237 -2.31 -12.30 -14.06
CA SER B 237 -2.79 -13.28 -13.10
C SER B 237 -4.14 -12.89 -12.48
N LYS B 238 -4.98 -12.19 -13.23
CA LYS B 238 -6.29 -11.80 -12.73
C LYS B 238 -7.21 -11.48 -13.89
N LYS B 239 -8.52 -11.54 -13.62
CA LYS B 239 -9.56 -11.17 -14.56
C LYS B 239 -10.42 -10.09 -13.92
N ILE B 240 -10.55 -8.95 -14.60
CA ILE B 240 -11.17 -7.76 -14.03
C ILE B 240 -12.53 -7.57 -14.69
N LEU B 241 -13.55 -7.39 -13.86
CA LEU B 241 -14.90 -7.04 -14.30
C LEU B 241 -15.19 -5.62 -13.84
N LEU B 242 -15.22 -4.68 -14.76
CA LEU B 242 -15.46 -3.28 -14.42
C LEU B 242 -16.95 -3.03 -14.20
N MET B 243 -17.24 -2.11 -13.28
CA MET B 243 -18.60 -1.66 -13.03
C MET B 243 -18.67 -0.16 -13.28
N LEU B 244 -19.62 0.25 -14.13
CA LEU B 244 -19.80 1.65 -14.48
C LEU B 244 -21.29 1.98 -14.41
N ARG B 245 -21.62 3.03 -13.68
CA ARG B 245 -23.01 3.34 -13.31
C ARG B 245 -23.44 4.65 -13.96
N LYS B 246 -24.63 4.64 -14.57
CA LYS B 246 -25.24 5.85 -15.12
C LYS B 246 -26.06 6.51 -14.02
N PHE B 247 -25.49 7.58 -13.45
CA PHE B 247 -26.18 8.29 -12.37
C PHE B 247 -27.36 9.10 -12.90
N ASN B 248 -28.58 8.63 -12.62
CA ASN B 248 -29.77 9.38 -12.97
C ASN B 248 -29.98 10.48 -11.92
N LYS B 249 -30.89 11.41 -12.20
CA LYS B 249 -31.10 12.54 -11.30
C LYS B 249 -32.43 12.44 -10.58
N ASP B 250 -33.52 12.31 -11.33
CA ASP B 250 -34.85 12.25 -10.74
C ASP B 250 -35.10 10.91 -10.05
N ALA B 251 -34.72 9.82 -10.71
CA ALA B 251 -34.95 8.48 -10.17
C ALA B 251 -33.86 8.12 -9.16
N GLN B 252 -34.13 7.08 -8.39
CA GLN B 252 -33.19 6.53 -7.43
C GLN B 252 -33.17 5.02 -7.57
N LEU B 253 -31.96 4.45 -7.65
CA LEU B 253 -31.80 3.03 -7.96
C LEU B 253 -31.61 2.23 -6.67
N GLU B 254 -32.38 1.16 -6.54
CA GLU B 254 -32.33 0.32 -5.35
C GLU B 254 -31.04 -0.48 -5.30
N LEU B 255 -30.40 -0.45 -4.13
CA LEU B 255 -29.10 -1.08 -3.93
C LEU B 255 -29.19 -2.02 -2.73
N ARG B 256 -28.13 -2.81 -2.55
CA ARG B 256 -27.94 -3.63 -1.35
C ARG B 256 -26.46 -3.61 -1.04
N HIS B 257 -26.07 -2.71 -0.14
CA HIS B 257 -24.66 -2.42 0.10
C HIS B 257 -23.97 -3.56 0.85
N GLN B 258 -22.76 -3.90 0.40
CA GLN B 258 -21.84 -4.82 1.07
C GLN B 258 -22.47 -6.19 1.31
N ARG B 259 -22.81 -6.86 0.20
CA ARG B 259 -23.30 -8.22 0.26
C ARG B 259 -22.35 -9.24 -0.34
N THR B 260 -21.30 -8.80 -1.03
CA THR B 260 -20.35 -9.68 -1.66
C THR B 260 -18.99 -8.99 -1.69
N SER B 261 -17.94 -9.73 -1.38
CA SER B 261 -16.60 -9.19 -1.48
C SER B 261 -16.23 -8.94 -2.94
N ASP B 262 -15.39 -7.92 -3.15
CA ASP B 262 -14.93 -7.57 -4.49
C ASP B 262 -13.82 -8.49 -4.99
N ILE B 263 -13.50 -9.54 -4.25
CA ILE B 263 -12.48 -10.52 -4.61
C ILE B 263 -12.97 -11.92 -4.23
N PHE B 264 -12.72 -12.88 -5.11
CA PHE B 264 -12.84 -14.29 -4.79
C PHE B 264 -11.91 -15.08 -5.70
N PHE B 265 -11.38 -16.17 -5.16
CA PHE B 265 -10.50 -17.05 -5.91
C PHE B 265 -11.32 -18.09 -6.67
N ASP B 266 -10.86 -18.43 -7.85
CA ASP B 266 -11.53 -19.45 -8.65
C ASP B 266 -10.51 -20.23 -9.45
N ILE B 267 -10.77 -21.52 -9.64
CA ILE B 267 -9.86 -22.36 -10.39
C ILE B 267 -9.96 -22.03 -11.87
N PHE B 268 -8.93 -22.39 -12.63
CA PHE B 268 -8.84 -22.06 -14.04
C PHE B 268 -8.00 -23.12 -14.74
N GLU B 269 -7.87 -22.97 -16.05
CA GLU B 269 -6.96 -23.78 -16.85
C GLU B 269 -5.82 -22.91 -17.36
N GLN B 270 -4.62 -23.47 -17.41
CA GLN B 270 -3.47 -22.73 -17.94
C GLN B 270 -3.63 -22.40 -19.41
N ASN B 271 -4.25 -23.29 -20.19
CA ASN B 271 -4.51 -23.06 -21.61
C ASN B 271 -5.73 -22.19 -21.88
N LYS B 272 -6.61 -22.02 -20.89
CA LYS B 272 -7.82 -21.23 -21.05
C LYS B 272 -7.95 -20.23 -19.91
N PRO B 273 -7.14 -19.17 -19.91
CA PRO B 273 -7.22 -18.18 -18.83
C PRO B 273 -8.44 -17.29 -18.88
N ASN B 274 -9.17 -17.25 -20.00
CA ASN B 274 -10.26 -16.31 -20.19
C ASN B 274 -11.61 -17.02 -20.21
N ASP B 275 -11.70 -18.19 -19.58
CA ASP B 275 -12.93 -18.96 -19.51
C ASP B 275 -13.27 -19.17 -18.03
N VAL B 276 -14.14 -18.31 -17.50
CA VAL B 276 -14.59 -18.45 -16.13
C VAL B 276 -15.48 -19.68 -16.01
N SER B 277 -15.36 -20.38 -14.89
CA SER B 277 -16.09 -21.63 -14.69
C SER B 277 -17.58 -21.37 -14.50
N LYS B 278 -18.36 -22.44 -14.52
CA LYS B 278 -19.80 -22.33 -14.32
C LYS B 278 -20.14 -21.80 -12.94
N LYS B 279 -19.44 -22.29 -11.91
CA LYS B 279 -19.68 -21.79 -10.56
C LYS B 279 -19.19 -20.36 -10.39
N GLY B 280 -18.11 -19.98 -11.07
CA GLY B 280 -17.67 -18.59 -11.01
C GLY B 280 -18.65 -17.65 -11.69
N MET B 281 -19.19 -18.05 -12.83
CA MET B 281 -20.22 -17.24 -13.49
C MET B 281 -21.49 -17.19 -12.67
N GLU B 282 -21.82 -18.28 -11.97
CA GLU B 282 -22.94 -18.27 -11.03
C GLU B 282 -22.68 -17.28 -9.89
N PHE B 283 -21.46 -17.23 -9.38
CA PHE B 283 -21.09 -16.27 -8.35
C PHE B 283 -21.26 -14.85 -8.86
N VAL B 284 -20.83 -14.58 -10.10
CA VAL B 284 -20.96 -13.24 -10.67
C VAL B 284 -22.43 -12.87 -10.87
N TYR B 285 -23.24 -13.82 -11.37
CA TYR B 285 -24.65 -13.57 -11.58
C TYR B 285 -25.37 -13.30 -10.27
N LYS B 286 -25.07 -14.08 -9.23
CA LYS B 286 -25.69 -13.85 -7.93
C LYS B 286 -25.19 -12.56 -7.29
N MET B 287 -23.95 -12.15 -7.58
CA MET B 287 -23.49 -10.84 -7.13
C MET B 287 -24.29 -9.72 -7.77
N ILE B 288 -24.54 -9.83 -9.08
CA ILE B 288 -25.36 -8.82 -9.77
C ILE B 288 -26.78 -8.81 -9.23
N GLU B 289 -27.36 -9.99 -9.02
CA GLU B 289 -28.75 -10.08 -8.57
C GLU B 289 -28.90 -9.66 -7.12
N THR B 290 -27.89 -9.88 -6.28
CA THR B 290 -27.94 -9.43 -4.90
C THR B 290 -27.70 -7.93 -4.79
N LEU B 291 -26.87 -7.38 -5.69
CA LEU B 291 -26.62 -5.94 -5.69
C LEU B 291 -27.88 -5.16 -6.03
N LEU B 292 -28.65 -5.63 -7.00
CA LEU B 292 -29.89 -4.97 -7.41
C LEU B 292 -31.06 -5.91 -7.17
N PRO B 293 -31.85 -5.69 -6.11
CA PRO B 293 -32.88 -6.68 -5.75
C PRO B 293 -34.21 -6.52 -6.48
N LYS B 294 -34.56 -5.34 -6.95
CA LYS B 294 -35.81 -5.16 -7.67
C LYS B 294 -35.70 -5.47 -9.16
N ALA B 295 -34.51 -5.84 -9.62
CA ALA B 295 -34.33 -6.24 -11.02
C ALA B 295 -34.53 -7.73 -11.23
N ASN B 296 -34.77 -8.49 -10.16
CA ASN B 296 -34.94 -9.93 -10.27
C ASN B 296 -36.31 -10.29 -10.84
N TYR B 297 -36.46 -11.56 -11.17
CA TYR B 297 -37.71 -12.04 -11.75
C TYR B 297 -38.82 -12.02 -10.72
N SER B 298 -39.98 -11.50 -11.12
CA SER B 298 -41.15 -11.44 -10.25
C SER B 298 -42.38 -11.36 -11.15
N GLU B 299 -43.55 -11.13 -10.53
CA GLU B 299 -44.78 -11.06 -11.31
C GLU B 299 -44.88 -9.75 -12.07
N GLU B 300 -44.50 -8.64 -11.46
CA GLU B 300 -44.58 -7.33 -12.11
C GLU B 300 -43.48 -7.10 -13.14
N ASN B 301 -42.46 -7.96 -13.18
CA ASN B 301 -41.37 -7.81 -14.13
C ASN B 301 -41.56 -8.64 -15.39
N LYS B 302 -42.71 -9.29 -15.55
CA LYS B 302 -42.97 -10.06 -16.76
C LYS B 302 -43.18 -9.12 -17.93
N GLY B 303 -42.36 -9.27 -18.98
CA GLY B 303 -42.39 -8.39 -20.12
C GLY B 303 -41.62 -7.11 -19.95
N ALA B 304 -41.07 -6.85 -18.76
CA ALA B 304 -40.29 -5.65 -18.45
C ALA B 304 -39.04 -6.04 -17.69
N PHE B 305 -38.31 -7.04 -18.21
CA PHE B 305 -37.12 -7.54 -17.55
C PHE B 305 -36.05 -6.46 -17.48
N LYS B 306 -35.46 -6.28 -16.30
CA LYS B 306 -34.51 -5.20 -16.05
C LYS B 306 -33.07 -5.67 -16.04
N MET B 307 -32.78 -6.86 -16.57
CA MET B 307 -31.41 -7.37 -16.66
C MET B 307 -31.17 -7.86 -18.07
N MET B 308 -30.09 -7.37 -18.68
CA MET B 308 -29.79 -7.58 -20.09
C MET B 308 -28.38 -8.12 -20.24
N GLU B 309 -28.18 -8.96 -21.25
CA GLU B 309 -26.86 -9.49 -21.59
C GLU B 309 -26.53 -9.15 -23.03
N LEU B 310 -25.30 -8.70 -23.26
CA LEU B 310 -24.77 -8.52 -24.61
C LEU B 310 -23.68 -9.55 -24.84
N TYR B 311 -23.63 -10.07 -26.07
CA TYR B 311 -22.72 -11.15 -26.47
C TYR B 311 -22.89 -12.38 -25.57
N ALA B 312 -24.13 -12.86 -25.48
CA ALA B 312 -24.47 -13.97 -24.60
C ALA B 312 -24.01 -15.29 -25.18
N ASP B 313 -23.97 -16.31 -24.32
CA ASP B 313 -23.61 -17.66 -24.72
C ASP B 313 -24.62 -18.62 -24.09
N ASP B 314 -24.80 -19.76 -24.74
CA ASP B 314 -25.77 -20.76 -24.30
C ASP B 314 -25.32 -21.52 -23.05
N LYS B 315 -24.15 -21.19 -22.49
CA LYS B 315 -23.62 -21.94 -21.36
C LYS B 315 -24.43 -21.70 -20.09
N SER B 316 -24.72 -20.43 -19.76
CA SER B 316 -25.39 -20.12 -18.51
C SER B 316 -26.39 -18.98 -18.64
N GLN B 317 -26.60 -18.44 -19.84
CA GLN B 317 -27.37 -17.20 -19.94
C GLN B 317 -28.89 -17.35 -19.92
N PRO B 318 -29.53 -18.38 -20.57
CA PRO B 318 -30.97 -18.53 -20.35
C PRO B 318 -31.28 -18.66 -18.87
N ARG B 319 -31.91 -17.62 -18.33
CA ARG B 319 -31.99 -17.39 -16.90
C ARG B 319 -33.29 -16.66 -16.59
N LYS B 320 -33.75 -16.79 -15.35
CA LYS B 320 -35.01 -16.18 -14.95
C LYS B 320 -34.80 -14.68 -14.73
N GLY B 321 -35.54 -13.87 -15.47
CA GLY B 321 -35.45 -12.43 -15.36
C GLY B 321 -34.33 -11.77 -16.14
N TRP B 322 -33.72 -12.48 -17.10
CA TRP B 322 -32.56 -11.99 -17.83
C TRP B 322 -32.87 -11.93 -19.32
N ILE B 323 -32.53 -10.81 -19.95
CA ILE B 323 -32.64 -10.64 -21.39
C ILE B 323 -31.30 -11.01 -22.03
N SER B 324 -31.34 -11.91 -23.00
CA SER B 324 -30.13 -12.39 -23.66
C SER B 324 -30.11 -11.93 -25.10
N VAL B 325 -29.00 -11.33 -25.52
CA VAL B 325 -28.79 -10.91 -26.91
C VAL B 325 -27.61 -11.70 -27.44
N TYR B 326 -27.87 -12.51 -28.47
CA TYR B 326 -26.86 -13.38 -29.06
C TYR B 326 -26.26 -12.73 -30.29
N GLU B 327 -25.13 -13.29 -30.74
CA GLU B 327 -24.37 -12.75 -31.87
C GLU B 327 -24.18 -13.88 -32.89
N GLN B 328 -24.92 -13.81 -34.00
CA GLN B 328 -24.76 -14.70 -35.15
C GLN B 328 -24.91 -16.17 -34.79
N GLU B 329 -26.09 -16.57 -34.31
CA GLU B 329 -26.33 -17.97 -33.98
C GLU B 329 -26.46 -18.82 -35.24
N THR C 156 -2.68 7.47 34.26
CA THR C 156 -2.37 6.16 34.83
C THR C 156 -0.93 5.77 34.51
N LEU C 157 -0.13 5.60 35.57
CA LEU C 157 1.29 5.29 35.39
C LEU C 157 1.49 3.91 34.77
N GLU C 158 0.68 2.93 35.18
CA GLU C 158 0.82 1.58 34.64
C GLU C 158 0.42 1.54 33.17
N ASP C 159 -0.44 2.47 32.75
CA ASP C 159 -0.82 2.54 31.34
C ASP C 159 0.30 3.12 30.49
N ILE C 160 0.96 4.17 30.99
CA ILE C 160 2.00 4.85 30.20
C ILE C 160 3.29 4.05 30.23
N GLU C 161 3.49 3.23 31.27
CA GLU C 161 4.71 2.44 31.35
C GLU C 161 4.67 1.26 30.40
N ASN C 162 3.50 0.64 30.23
CA ASN C 162 3.34 -0.51 29.36
C ASN C 162 2.91 -0.11 27.95
N GLU C 163 2.82 1.18 27.67
CA GLU C 163 2.44 1.66 26.34
C GLU C 163 3.61 1.51 25.38
N LYS C 164 3.35 1.79 24.10
CA LYS C 164 4.38 1.80 23.07
C LYS C 164 5.14 3.12 23.01
N PHE C 165 5.08 3.94 24.06
CA PHE C 165 5.83 5.18 24.11
C PHE C 165 7.33 4.91 24.17
N THR C 166 8.11 5.84 23.64
CA THR C 166 9.56 5.74 23.73
C THR C 166 10.02 6.08 25.14
N ASN C 167 11.32 5.89 25.39
CA ASN C 167 11.87 5.99 26.73
C ASN C 167 11.99 7.43 27.21
N LEU C 168 11.81 8.42 26.34
CA LEU C 168 11.86 9.82 26.73
C LEU C 168 10.49 10.41 27.02
N GLU C 169 9.47 10.06 26.22
CA GLU C 169 8.12 10.52 26.53
C GLU C 169 7.60 9.85 27.79
N ILE C 170 7.94 8.57 28.00
CA ILE C 170 7.66 7.91 29.27
C ILE C 170 8.31 8.66 30.41
N LEU C 171 9.57 9.09 30.21
CA LEU C 171 10.32 9.75 31.27
C LEU C 171 9.72 11.10 31.61
N THR C 172 9.31 11.88 30.60
CA THR C 172 8.73 13.18 30.91
C THR C 172 7.31 13.07 31.45
N HIS C 173 6.54 12.05 31.03
CA HIS C 173 5.25 11.80 31.66
C HIS C 173 5.42 11.42 33.12
N LEU C 174 6.43 10.60 33.42
CA LEU C 174 6.71 10.21 34.80
C LEU C 174 7.12 11.42 35.63
N TYR C 175 7.95 12.30 35.05
CA TYR C 175 8.36 13.51 35.77
C TYR C 175 7.18 14.45 36.01
N ASN C 176 6.29 14.61 35.03
CA ASN C 176 5.12 15.45 35.21
C ASN C 176 4.19 14.90 36.28
N LEU C 177 3.99 13.58 36.27
CA LEU C 177 3.16 12.93 37.28
C LEU C 177 3.76 13.11 38.67
N LYS C 178 5.09 12.91 38.79
CA LYS C 178 5.75 13.07 40.08
C LYS C 178 5.64 14.50 40.59
N ALA C 179 5.83 15.48 39.69
CA ALA C 179 5.73 16.88 40.09
C ALA C 179 4.32 17.22 40.54
N GLU C 180 3.31 16.75 39.81
CA GLU C 180 1.92 17.03 40.19
C GLU C 180 1.56 16.40 41.52
N ILE C 181 1.96 15.15 41.74
CA ILE C 181 1.58 14.51 43.00
C ILE C 181 2.36 15.09 44.17
N VAL C 182 3.62 15.48 43.99
CA VAL C 182 4.34 16.09 45.11
C VAL C 182 3.79 17.49 45.40
N ARG C 183 3.33 18.21 44.37
CA ARG C 183 2.71 19.52 44.60
C ARG C 183 1.40 19.38 45.36
N ARG C 184 0.55 18.43 44.95
CA ARG C 184 -0.72 18.24 45.63
C ARG C 184 -0.58 17.51 46.96
N LEU C 185 0.58 16.93 47.25
CA LEU C 185 0.85 16.38 48.57
C LEU C 185 1.36 17.47 49.51
N ALA C 186 2.28 18.32 49.04
CA ALA C 186 2.82 19.37 49.89
C ALA C 186 1.78 20.47 50.15
N GLU C 187 0.95 20.75 49.16
CA GLU C 187 -0.08 21.78 49.32
C GLU C 187 -1.47 21.15 49.44
N GLN D 14 30.44 0.71 -18.74
CA GLN D 14 30.86 0.29 -17.40
C GLN D 14 29.72 0.50 -16.41
N PRO D 15 29.65 -0.36 -15.38
CA PRO D 15 28.66 -0.17 -14.32
C PRO D 15 29.19 0.70 -13.20
N LEU D 16 28.26 1.33 -12.49
CA LEU D 16 28.59 2.19 -11.37
C LEU D 16 28.30 1.46 -10.05
N ASP D 17 29.07 1.82 -9.03
CA ASP D 17 28.82 1.30 -7.69
C ASP D 17 27.93 2.26 -6.91
N PHE D 18 26.97 1.69 -6.19
CA PHE D 18 25.95 2.49 -5.53
C PHE D 18 26.38 3.03 -4.18
N THR D 19 27.52 2.58 -3.64
CA THR D 19 28.01 3.13 -2.38
C THR D 19 28.50 4.56 -2.57
N GLN D 20 29.43 4.76 -3.51
CA GLN D 20 29.93 6.10 -3.79
C GLN D 20 28.84 6.97 -4.41
N TYR D 21 27.98 6.38 -5.25
CA TYR D 21 26.86 7.13 -5.82
C TYR D 21 25.91 7.60 -4.74
N ALA D 22 25.60 6.74 -3.77
CA ALA D 22 24.71 7.11 -2.68
C ALA D 22 25.34 8.17 -1.79
N LYS D 23 26.65 8.05 -1.51
CA LYS D 23 27.33 9.07 -0.72
C LYS D 23 27.33 10.42 -1.42
N ASN D 24 27.60 10.41 -2.73
CA ASN D 24 27.59 11.66 -3.50
C ASN D 24 26.21 12.27 -3.56
N MET D 25 25.16 11.46 -3.74
CA MET D 25 23.79 11.96 -3.75
C MET D 25 23.40 12.53 -2.39
N ARG D 26 23.77 11.84 -1.31
CA ARG D 26 23.47 12.28 0.04
C ARG D 26 24.24 13.54 0.44
N LYS D 27 25.42 13.77 -0.16
CA LYS D 27 26.18 14.97 0.16
C LYS D 27 25.44 16.25 -0.21
N ASP D 28 24.84 16.31 -1.40
CA ASP D 28 24.20 17.53 -1.86
C ASP D 28 22.69 17.51 -1.82
N LEU D 29 22.05 16.36 -1.63
CA LEU D 29 20.60 16.29 -1.59
C LEU D 29 20.04 16.17 -0.18
N SER D 30 20.58 15.28 0.65
CA SER D 30 20.05 15.08 1.99
C SER D 30 20.47 16.20 2.92
N ASN D 31 19.79 16.27 4.07
CA ASN D 31 20.04 17.32 5.05
C ASN D 31 21.30 17.01 5.84
N GLN D 32 21.67 17.93 6.73
CA GLN D 32 22.88 17.78 7.53
C GLN D 32 22.73 16.75 8.65
N ASP D 33 21.49 16.41 9.03
CA ASP D 33 21.26 15.43 10.07
C ASP D 33 21.09 14.02 9.53
N ILE D 34 20.76 13.87 8.25
CA ILE D 34 20.58 12.54 7.65
C ILE D 34 21.90 11.89 7.27
N CYS D 35 22.91 12.68 6.90
CA CYS D 35 24.19 12.12 6.49
C CYS D 35 25.31 12.83 7.21
N LEU D 36 26.45 12.16 7.31
CA LEU D 36 27.64 12.74 7.93
C LEU D 36 28.40 13.60 6.93
N GLU D 37 29.60 14.03 7.33
CA GLU D 37 30.42 14.86 6.46
C GLU D 37 30.96 14.08 5.27
N ASP D 38 31.35 12.82 5.50
CA ASP D 38 31.85 11.99 4.40
C ASP D 38 30.73 11.54 3.48
N GLY D 39 29.48 11.67 3.91
CA GLY D 39 28.35 11.23 3.12
C GLY D 39 27.73 9.95 3.65
N ALA D 40 28.36 9.37 4.67
CA ALA D 40 27.85 8.16 5.29
C ALA D 40 26.55 8.45 6.02
N LEU D 41 25.72 7.42 6.13
CA LEU D 41 24.39 7.57 6.73
C LEU D 41 24.48 7.76 8.24
N ASN D 42 23.72 8.73 8.74
CA ASN D 42 23.65 9.00 10.17
C ASN D 42 22.56 8.11 10.76
N HIS D 43 22.98 7.00 11.37
CA HIS D 43 22.00 6.05 11.91
C HIS D 43 21.38 6.56 13.21
N SER D 44 22.05 7.49 13.88
CA SER D 44 21.51 8.06 15.11
C SER D 44 20.25 8.87 14.82
N TYR D 45 20.17 9.46 13.63
CA TYR D 45 18.98 10.21 13.24
C TYR D 45 17.77 9.29 13.06
N PHE D 46 18.00 8.06 12.57
CA PHE D 46 16.91 7.15 12.32
C PHE D 46 16.61 6.26 13.53
N LEU D 47 17.52 6.18 14.49
CA LEU D 47 17.26 5.37 15.67
C LEU D 47 16.32 6.05 16.66
N THR D 48 15.99 7.32 16.45
CA THR D 48 15.05 8.05 17.28
C THR D 48 13.82 8.42 16.46
N LYS D 49 12.86 9.07 17.12
CA LYS D 49 11.67 9.55 16.46
C LYS D 49 11.95 10.85 15.72
N LYS D 50 10.97 11.26 14.90
CA LYS D 50 11.08 12.53 14.19
C LYS D 50 10.93 13.69 15.15
N GLY D 51 11.89 14.62 15.11
CA GLY D 51 11.90 15.77 15.99
C GLY D 51 12.72 15.59 17.25
N GLN D 52 12.73 14.39 17.82
CA GLN D 52 13.47 14.12 19.05
C GLN D 52 14.83 13.51 18.71
N TYR D 53 15.68 14.32 18.08
CA TYR D 53 17.05 13.93 17.77
C TYR D 53 18.00 14.96 18.35
N TRP D 54 18.96 14.50 19.15
CA TRP D 54 19.96 15.39 19.71
C TRP D 54 21.05 15.70 18.70
N THR D 55 21.11 16.95 18.27
CA THR D 55 22.10 17.35 17.28
C THR D 55 23.44 17.65 17.93
N PRO D 56 24.54 17.52 17.18
CA PRO D 56 25.83 18.01 17.68
C PRO D 56 25.84 19.51 17.97
N LEU D 57 25.01 20.28 17.27
CA LEU D 57 24.77 21.67 17.65
C LEU D 57 24.01 21.80 18.96
N ASN D 58 23.04 20.92 19.21
CA ASN D 58 22.32 20.95 20.49
C ASN D 58 23.23 20.61 21.66
N GLN D 59 24.14 19.65 21.47
CA GLN D 59 25.10 19.32 22.54
C GLN D 59 26.01 20.50 22.85
N LYS D 60 26.50 21.17 21.81
CA LYS D 60 27.33 22.36 22.01
C LYS D 60 26.53 23.49 22.64
N ALA D 61 25.25 23.61 22.29
CA ALA D 61 24.40 24.63 22.91
C ALA D 61 24.20 24.35 24.39
N LEU D 62 24.00 23.08 24.77
CA LEU D 62 23.88 22.73 26.17
C LEU D 62 25.17 23.02 26.93
N GLN D 63 26.32 22.67 26.33
CA GLN D 63 27.60 22.93 27.00
C GLN D 63 27.85 24.43 27.13
N ARG D 64 27.49 25.22 26.12
CA ARG D 64 27.65 26.66 26.20
C ARG D 64 26.71 27.27 27.23
N GLY D 65 25.50 26.74 27.36
CA GLY D 65 24.60 27.19 28.41
C GLY D 65 25.09 26.87 29.80
N ILE D 66 25.69 25.69 29.97
CA ILE D 66 26.32 25.35 31.25
C ILE D 66 27.51 26.26 31.51
N GLU D 67 28.23 26.64 30.45
CA GLU D 67 29.30 27.64 30.57
C GLU D 67 28.77 28.98 31.06
N LEU D 68 27.63 29.41 30.52
CA LEU D 68 27.11 30.74 30.84
C LEU D 68 26.36 30.73 32.17
N PHE D 69 25.32 29.91 32.29
CA PHE D 69 24.45 29.88 33.45
C PHE D 69 24.76 28.66 34.31
N GLY D 70 24.02 28.54 35.40
CA GLY D 70 24.26 27.48 36.37
C GLY D 70 23.68 26.15 35.93
N VAL D 71 23.74 25.19 36.86
CA VAL D 71 23.21 23.86 36.63
C VAL D 71 21.94 23.70 37.45
N GLY D 72 20.86 23.29 36.78
CA GLY D 72 19.58 23.11 37.41
C GLY D 72 18.58 24.23 37.22
N ASN D 73 18.96 25.29 36.49
CA ASN D 73 18.05 26.39 36.22
C ASN D 73 17.80 26.47 34.72
N TRP D 74 17.58 25.32 34.08
CA TRP D 74 17.42 25.26 32.62
C TRP D 74 16.04 25.75 32.19
N LYS D 75 15.75 27.00 32.53
CA LYS D 75 14.63 27.73 31.96
C LYS D 75 15.08 28.85 31.04
N GLU D 76 16.02 29.68 31.51
CA GLU D 76 16.65 30.65 30.62
C GLU D 76 17.47 29.96 29.54
N ILE D 77 18.05 28.79 29.86
CA ILE D 77 18.78 28.01 28.85
C ILE D 77 17.86 27.61 27.72
N ASN D 78 16.68 27.10 28.05
CA ASN D 78 15.69 26.77 27.04
C ASN D 78 15.20 28.02 26.32
N TYR D 79 15.03 29.11 27.06
CA TYR D 79 14.44 30.32 26.49
C TYR D 79 15.34 30.96 25.44
N ASP D 80 16.64 31.04 25.70
CA ASP D 80 17.53 31.78 24.82
C ASP D 80 18.78 31.00 24.42
N GLU D 81 18.70 29.66 24.41
CA GLU D 81 19.85 28.92 23.93
C GLU D 81 19.52 28.04 22.73
N PHE D 82 18.55 27.14 22.87
CA PHE D 82 18.33 26.10 21.87
C PHE D 82 17.45 26.60 20.72
N SER D 83 16.17 26.83 21.00
CA SER D 83 15.28 27.45 20.04
C SER D 83 14.24 28.33 20.68
N GLY D 84 14.26 28.53 22.00
CA GLY D 84 13.15 29.07 22.73
C GLY D 84 12.18 28.01 23.23
N LYS D 85 12.24 26.81 22.65
CA LYS D 85 11.37 25.70 23.03
C LYS D 85 12.18 24.41 22.96
N ALA D 86 12.31 23.72 24.08
CA ALA D 86 13.01 22.44 24.13
C ALA D 86 12.36 21.60 25.24
N ASN D 87 12.98 20.45 25.54
CA ASN D 87 12.48 19.52 26.53
C ASN D 87 13.29 19.67 27.81
N ILE D 88 12.65 20.13 28.88
CA ILE D 88 13.32 20.35 30.15
C ILE D 88 13.84 19.03 30.71
N VAL D 89 13.07 17.95 30.51
CA VAL D 89 13.49 16.63 30.95
C VAL D 89 14.73 16.17 30.20
N GLU D 90 14.74 16.37 28.87
CA GLU D 90 15.89 15.92 28.09
C GLU D 90 17.14 16.74 28.41
N LEU D 91 16.98 18.03 28.73
CA LEU D 91 18.12 18.82 29.14
C LEU D 91 18.76 18.26 30.41
N GLU D 92 17.92 17.88 31.39
CA GLU D 92 18.43 17.28 32.61
C GLU D 92 19.09 15.93 32.35
N LEU D 93 18.46 15.11 31.50
CA LEU D 93 19.00 13.78 31.21
C LEU D 93 20.35 13.87 30.51
N ARG D 94 20.47 14.77 29.54
CA ARG D 94 21.73 14.90 28.83
C ARG D 94 22.80 15.58 29.68
N THR D 95 22.42 16.51 30.57
CA THR D 95 23.38 17.06 31.50
C THR D 95 23.90 16.01 32.47
N CYS D 96 23.02 15.10 32.91
CA CYS D 96 23.46 13.98 33.74
C CYS D 96 24.37 13.04 32.96
N MET D 97 24.07 12.82 31.67
CA MET D 97 24.86 11.88 30.88
C MET D 97 26.26 12.43 30.58
N ILE D 98 26.36 13.74 30.33
CA ILE D 98 27.66 14.34 30.01
C ILE D 98 28.41 14.80 31.25
N LEU D 99 27.88 14.53 32.44
CA LEU D 99 28.63 14.67 33.67
C LEU D 99 29.06 13.33 34.26
N GLY D 100 28.58 12.23 33.69
CA GLY D 100 28.94 10.91 34.15
C GLY D 100 28.28 10.45 35.42
N ILE D 101 27.31 11.21 35.93
CA ILE D 101 26.71 10.97 37.24
C ILE D 101 25.19 10.88 37.07
N ASN D 102 24.58 9.92 37.77
CA ASN D 102 23.14 9.69 37.64
C ASN D 102 22.32 10.88 38.12
N ASP D 103 22.66 11.43 39.28
CA ASP D 103 21.91 12.53 39.87
C ASP D 103 22.85 13.66 40.24
N ILE D 104 22.47 14.89 39.91
CA ILE D 104 23.37 16.03 39.95
C ILE D 104 23.01 16.96 41.10
N THR D 105 22.51 16.37 42.20
CA THR D 105 22.09 17.15 43.36
C THR D 105 23.23 18.01 43.91
N GLU D 106 24.45 17.47 43.94
CA GLU D 106 25.59 18.23 44.45
C GLU D 106 26.05 19.32 43.48
N TYR D 107 25.57 19.31 42.23
CA TYR D 107 25.97 20.30 41.25
C TYR D 107 24.92 21.39 41.05
N TYR D 108 23.89 21.44 41.88
CA TYR D 108 22.81 22.39 41.68
C TYR D 108 23.28 23.80 42.04
N GLY D 109 23.04 24.76 41.15
CA GLY D 109 23.48 26.12 41.34
C GLY D 109 24.91 26.39 40.97
N LYS D 110 25.64 25.38 40.50
CA LYS D 110 27.05 25.53 40.20
C LYS D 110 27.26 25.79 38.71
N LYS D 111 28.16 26.72 38.40
CA LYS D 111 28.52 27.06 37.03
C LYS D 111 29.93 26.54 36.77
N ILE D 112 30.06 25.58 35.85
CA ILE D 112 31.31 24.87 35.61
C ILE D 112 31.80 25.19 34.21
N SER D 113 33.11 25.42 34.08
CA SER D 113 33.72 25.66 32.78
C SER D 113 33.81 24.36 31.99
N GLU D 114 34.27 24.47 30.74
CA GLU D 114 34.35 23.30 29.87
C GLU D 114 35.45 22.34 30.33
N GLU D 115 36.64 22.88 30.60
CA GLU D 115 37.76 22.04 31.02
C GLU D 115 37.50 21.42 32.39
N GLU D 116 36.97 22.21 33.33
CA GLU D 116 36.61 21.67 34.64
C GLU D 116 35.46 20.68 34.53
N GLN D 117 34.56 20.88 33.57
CA GLN D 117 33.49 19.93 33.32
C GLN D 117 34.03 18.58 32.88
N GLU D 118 34.99 18.60 31.95
CA GLU D 118 35.64 17.36 31.51
C GLU D 118 36.41 16.72 32.65
N GLU D 119 37.09 17.53 33.47
CA GLU D 119 37.84 16.99 34.61
C GLU D 119 36.91 16.34 35.63
N ILE D 120 35.76 16.96 35.90
CA ILE D 120 34.79 16.39 36.84
C ILE D 120 34.22 15.09 36.28
N LYS D 121 33.92 15.06 34.98
CA LYS D 121 33.41 13.84 34.35
C LYS D 121 34.42 12.70 34.46
N LYS D 122 35.68 12.98 34.13
CA LYS D 122 36.72 11.95 34.21
C LYS D 122 36.99 11.54 35.65
N SER D 123 36.93 12.47 36.59
CA SER D 123 37.13 12.15 38.00
C SER D 123 36.01 11.24 38.51
N ASN D 124 34.77 11.51 38.12
CA ASN D 124 33.66 10.65 38.51
C ASN D 124 33.81 9.25 37.89
N ILE D 125 34.25 9.20 36.63
CA ILE D 125 34.46 7.90 35.98
C ILE D 125 35.54 7.11 36.71
N ALA D 126 36.65 7.76 37.05
CA ALA D 126 37.73 7.07 37.76
C ALA D 126 37.32 6.69 39.19
N LYS D 127 36.49 7.52 39.83
CA LYS D 127 36.00 7.20 41.17
C LYS D 127 35.11 5.95 41.14
N GLY D 128 34.23 5.86 40.14
CA GLY D 128 33.36 4.70 40.08
C GLY D 128 33.95 3.48 39.42
N LYS D 129 35.11 3.62 38.76
CA LYS D 129 35.74 2.46 38.12
C LYS D 129 36.15 1.42 39.15
N LYS D 130 36.74 1.85 40.26
CA LYS D 130 37.13 0.94 41.32
C LYS D 130 36.05 0.70 42.36
N GLU D 131 34.91 1.38 42.25
CA GLU D 131 33.79 1.20 43.15
C GLU D 131 32.77 0.20 42.61
N ASN D 132 33.00 -0.34 41.41
CA ASN D 132 32.06 -1.21 40.71
C ASN D 132 30.70 -0.53 40.56
N LYS D 133 30.70 0.64 39.91
CA LYS D 133 29.51 1.45 39.75
C LYS D 133 29.18 1.81 38.31
N LEU D 134 30.17 1.78 37.40
CA LEU D 134 29.94 2.22 36.03
C LEU D 134 29.05 1.26 35.25
N LYS D 135 27.76 1.55 35.23
CA LYS D 135 26.79 0.81 34.42
C LYS D 135 26.46 1.66 33.21
N ASP D 136 27.05 1.28 32.07
CA ASP D 136 26.93 2.03 30.80
C ASP D 136 27.38 3.48 30.97
N ASN D 137 28.60 3.65 31.47
CA ASN D 137 29.25 4.96 31.65
C ASN D 137 28.43 5.89 32.54
N ILE D 138 27.81 5.32 33.58
CA ILE D 138 26.98 6.08 34.51
C ILE D 138 27.35 5.67 35.93
N TYR D 139 27.62 6.66 36.78
CA TYR D 139 27.93 6.44 38.19
C TYR D 139 26.66 6.64 39.02
N GLN D 140 26.38 5.69 39.90
CA GLN D 140 25.23 5.75 40.78
C GLN D 140 25.64 6.20 42.18
N LYS D 141 24.75 6.96 42.82
CA LYS D 141 24.96 7.38 44.21
C LYS D 141 23.63 7.52 44.92
#